data_6OJN
#
_entry.id   6OJN
#
_entity_poly.entity_id   1
_entity_poly.type   'polypeptide(L)'
_entity_poly.pdbx_seq_one_letter_code
;MTCTTGAGVTSGFIDLATYDNLDRALYGGKDATTYFIKEHYPVGWFTKLPTMATRVSGNPAFGQEFSVGVPRSGDYVLNA
WLTLKTPEIKLLETNRLGANGTVRWTKNLMHNAVEHASLTFNDICAQQFNTAYLDAWTQFNMCEGKRIGYDNMIGNTSDM
TNPTPAQGQDGARTLPSKNLVLPLPFFFSRDCGLALPTVVLPYNEIRINIKLRSLQELLVFQNKDTGNVIPISATDIAGG
LADTVEAYVYMTVGLVSNVERCAMAGTVRDMVVEQMQAAPTHIVNPQNTNNVHVDMRFSHAVKALFFMVQNVTYKSVGSN
YTCVTPVNGPGNTVMEPAMSVDPIKSASLTYENTTRLANMGVEYYSLVQPWYFSASIPVYTGYHMYSYALNVGSVHPSGS
TNYGRLTNASITVTMSPESVVAAAGGGNNNSGYNEPQRFALVVIAVNHNVIRIMNGSMGFPIL
;
_entity_poly.pdbx_strand_id   A,B,C
#
# COMPACT_ATOMS: atom_id res chain seq x y z
N TYR A 41 -36.02 3.65 6.40
CA TYR A 41 -36.38 2.27 6.72
C TYR A 41 -35.90 1.31 5.63
N PRO A 42 -34.73 0.70 5.84
CA PRO A 42 -34.20 -0.24 4.85
C PRO A 42 -35.03 -1.50 4.77
N VAL A 43 -34.75 -2.30 3.74
CA VAL A 43 -35.44 -3.57 3.50
C VAL A 43 -34.41 -4.68 3.59
N GLY A 44 -34.59 -5.59 4.55
CA GLY A 44 -33.68 -6.69 4.73
C GLY A 44 -34.42 -8.01 4.79
N TRP A 45 -33.74 -9.06 4.33
CA TRP A 45 -34.29 -10.41 4.32
C TRP A 45 -33.18 -11.41 4.60
N PHE A 46 -33.57 -12.67 4.77
CA PHE A 46 -32.63 -13.74 5.05
C PHE A 46 -31.85 -14.06 3.78
N THR A 47 -30.62 -13.58 3.69
CA THR A 47 -29.75 -13.80 2.55
C THR A 47 -28.69 -14.83 2.90
N LYS A 48 -28.19 -15.51 1.87
CA LYS A 48 -27.16 -16.53 2.04
C LYS A 48 -26.13 -16.40 0.93
N LEU A 49 -24.95 -16.98 1.16
CA LEU A 49 -23.88 -16.97 0.18
C LEU A 49 -22.92 -18.12 0.47
N PRO A 50 -23.24 -19.33 0.02
CA PRO A 50 -22.37 -20.48 0.28
C PRO A 50 -21.25 -20.55 -0.75
N THR A 51 -20.36 -21.54 -0.56
CA THR A 51 -19.22 -21.77 -1.46
C THR A 51 -19.09 -23.28 -1.65
N MET A 52 -19.97 -23.83 -2.48
CA MET A 52 -19.95 -25.27 -2.75
C MET A 52 -18.86 -25.61 -3.75
N ALA A 53 -18.21 -26.75 -3.52
CA ALA A 53 -17.13 -27.21 -4.39
C ALA A 53 -17.72 -27.67 -5.72
N THR A 54 -17.25 -27.06 -6.81
CA THR A 54 -17.75 -27.42 -8.14
C THR A 54 -17.16 -28.76 -8.58
N ARG A 55 -17.74 -29.32 -9.63
CA ARG A 55 -17.29 -30.59 -10.17
C ARG A 55 -16.03 -30.40 -11.00
N VAL A 56 -15.29 -31.50 -11.15
CA VAL A 56 -14.05 -31.51 -11.93
C VAL A 56 -14.16 -32.58 -13.01
N SER A 57 -13.36 -32.41 -14.06
CA SER A 57 -13.34 -33.32 -15.18
C SER A 57 -11.90 -33.52 -15.64
N GLY A 58 -11.45 -34.78 -15.67
CA GLY A 58 -10.11 -35.09 -16.08
C GLY A 58 -9.16 -35.25 -14.90
N ASN A 59 -8.11 -36.04 -15.13
CA ASN A 59 -7.10 -36.28 -14.10
C ASN A 59 -6.03 -35.20 -14.16
N PRO A 60 -5.87 -34.38 -13.13
CA PRO A 60 -4.84 -33.33 -13.16
C PRO A 60 -3.45 -33.94 -13.09
N ALA A 61 -2.63 -33.64 -14.10
CA ALA A 61 -1.27 -34.17 -14.16
C ALA A 61 -0.30 -33.10 -14.65
N PHE A 62 0.68 -33.50 -15.45
CA PHE A 62 1.68 -32.59 -16.00
C PHE A 62 1.49 -32.51 -17.51
N GLY A 63 1.02 -31.35 -17.98
CA GLY A 63 0.79 -31.15 -19.40
C GLY A 63 -0.46 -31.85 -19.91
N GLN A 64 -1.62 -31.34 -19.53
CA GLN A 64 -2.89 -31.93 -19.97
C GLN A 64 -3.97 -30.86 -19.90
N GLU A 65 -5.07 -31.12 -20.59
CA GLU A 65 -6.21 -30.22 -20.61
C GLU A 65 -7.14 -30.54 -19.46
N PHE A 66 -7.44 -29.54 -18.63
CA PHE A 66 -8.30 -29.70 -17.46
C PHE A 66 -9.49 -28.76 -17.61
N SER A 67 -10.68 -29.33 -17.74
CA SER A 67 -11.90 -28.56 -17.88
C SER A 67 -12.62 -28.47 -16.54
N VAL A 68 -13.24 -27.32 -16.29
CA VAL A 68 -13.95 -27.05 -15.04
C VAL A 68 -15.39 -26.69 -15.39
N GLY A 69 -16.34 -27.45 -14.82
CA GLY A 69 -17.74 -27.18 -15.06
C GLY A 69 -18.40 -26.43 -13.92
N VAL A 70 -18.48 -25.11 -14.04
CA VAL A 70 -19.07 -24.27 -13.00
C VAL A 70 -20.58 -24.47 -12.99
N PRO A 71 -21.23 -24.45 -11.83
CA PRO A 71 -22.68 -24.62 -11.79
C PRO A 71 -23.41 -23.43 -12.40
N ARG A 72 -24.69 -23.66 -12.71
CA ARG A 72 -25.51 -22.62 -13.30
C ARG A 72 -26.92 -22.54 -12.71
N SER A 73 -27.25 -23.38 -11.73
CA SER A 73 -28.59 -23.37 -11.13
C SER A 73 -28.75 -22.28 -10.08
N GLY A 74 -27.69 -21.54 -9.77
CA GLY A 74 -27.76 -20.49 -8.78
C GLY A 74 -28.22 -19.17 -9.37
N ASP A 75 -28.20 -18.14 -8.53
CA ASP A 75 -28.62 -16.81 -8.95
C ASP A 75 -27.51 -16.08 -9.69
N TYR A 76 -26.30 -16.05 -9.11
CA TYR A 76 -25.17 -15.41 -9.75
C TYR A 76 -23.89 -16.07 -9.26
N VAL A 77 -22.77 -15.72 -9.89
CA VAL A 77 -21.47 -16.26 -9.55
C VAL A 77 -20.52 -15.10 -9.27
N LEU A 78 -19.50 -15.38 -8.46
CA LEU A 78 -18.51 -14.39 -8.10
C LEU A 78 -17.13 -14.78 -8.60
N ASN A 79 -16.17 -14.90 -7.70
CA ASN A 79 -14.80 -15.25 -8.05
C ASN A 79 -14.54 -16.73 -7.76
N ALA A 80 -13.62 -17.31 -8.54
CA ALA A 80 -13.24 -18.70 -8.38
C ALA A 80 -11.76 -18.79 -8.04
N TRP A 81 -11.42 -19.75 -7.19
CA TRP A 81 -10.06 -19.95 -6.73
C TRP A 81 -9.56 -21.32 -7.18
N LEU A 82 -8.26 -21.39 -7.46
CA LEU A 82 -7.61 -22.62 -7.89
C LEU A 82 -6.59 -23.06 -6.84
N THR A 83 -6.46 -24.37 -6.67
CA THR A 83 -5.54 -24.95 -5.69
C THR A 83 -4.66 -25.97 -6.39
N LEU A 84 -3.35 -25.72 -6.38
CA LEU A 84 -2.38 -26.63 -6.99
C LEU A 84 -1.19 -26.76 -6.06
N LYS A 85 -0.89 -27.99 -5.64
CA LYS A 85 0.22 -28.27 -4.75
C LYS A 85 1.38 -28.85 -5.55
N THR A 86 2.53 -28.21 -5.47
CA THR A 86 3.74 -28.62 -6.19
C THR A 86 4.90 -28.71 -5.21
N PRO A 87 5.04 -29.83 -4.52
CA PRO A 87 6.14 -29.97 -3.56
C PRO A 87 7.46 -30.29 -4.25
N GLU A 88 8.54 -29.79 -3.65
CA GLU A 88 9.88 -30.03 -4.16
C GLU A 88 10.42 -31.35 -3.64
N ILE A 89 11.58 -31.76 -4.16
CA ILE A 89 12.19 -33.02 -3.79
C ILE A 89 13.70 -32.85 -3.64
N LYS A 90 14.12 -31.67 -3.20
CA LYS A 90 15.54 -31.37 -2.99
C LYS A 90 15.95 -31.83 -1.60
N LEU A 91 17.18 -31.48 -1.20
CA LEU A 91 17.70 -31.88 0.10
C LEU A 91 18.57 -30.78 0.70
N LEU A 92 19.71 -30.50 0.08
CA LEU A 92 20.62 -29.50 0.60
C LEU A 92 20.08 -28.10 0.37
N GLU A 93 20.75 -27.11 0.96
CA GLU A 93 20.33 -25.72 0.84
C GLU A 93 20.93 -25.09 -0.42
N THR A 94 21.37 -23.84 -0.32
CA THR A 94 21.95 -23.12 -1.44
C THR A 94 23.45 -23.33 -1.57
N ASN A 95 24.00 -24.37 -0.94
CA ASN A 95 25.42 -24.64 -1.02
C ASN A 95 25.79 -25.23 -2.38
N ARG A 96 27.02 -24.98 -2.80
CA ARG A 96 27.51 -25.47 -4.08
C ARG A 96 27.95 -26.91 -3.95
N LEU A 97 27.49 -27.77 -4.87
CA LEU A 97 27.84 -29.19 -4.87
C LEU A 97 28.33 -29.62 -6.24
N GLY A 98 29.05 -28.76 -6.93
CA GLY A 98 29.57 -29.11 -8.25
C GLY A 98 28.48 -29.01 -9.30
N ALA A 99 28.27 -30.10 -10.03
CA ALA A 99 27.26 -30.16 -11.08
C ALA A 99 25.89 -30.58 -10.56
N ASN A 100 25.76 -30.84 -9.26
CA ASN A 100 24.47 -31.25 -8.70
C ASN A 100 23.56 -30.04 -8.54
N GLY A 101 22.26 -30.29 -8.69
CA GLY A 101 21.26 -29.24 -8.57
C GLY A 101 20.63 -29.24 -7.20
N THR A 102 20.69 -28.09 -6.53
CA THR A 102 20.12 -27.94 -5.21
C THR A 102 19.01 -26.88 -5.21
N VAL A 103 18.94 -26.08 -4.15
CA VAL A 103 17.93 -25.04 -4.03
C VAL A 103 18.64 -23.72 -4.33
N ARG A 104 18.71 -23.38 -5.61
CA ARG A 104 19.34 -22.13 -6.03
C ARG A 104 18.76 -21.66 -7.36
N TRP A 105 18.10 -22.56 -8.09
CA TRP A 105 17.47 -22.26 -9.38
C TRP A 105 16.01 -22.68 -9.31
N THR A 106 15.25 -22.01 -8.43
CA THR A 106 13.84 -22.30 -8.24
C THR A 106 13.00 -21.11 -8.67
N LYS A 107 11.86 -21.40 -9.29
CA LYS A 107 10.93 -20.39 -9.76
C LYS A 107 9.52 -20.77 -9.30
N ASN A 108 8.58 -19.87 -9.53
CA ASN A 108 7.19 -20.13 -9.16
C ASN A 108 6.61 -21.24 -10.03
N LEU A 109 5.85 -22.14 -9.40
CA LEU A 109 5.33 -23.30 -10.12
C LEU A 109 3.90 -23.06 -10.61
N MET A 110 3.03 -22.56 -9.74
CA MET A 110 1.64 -22.34 -10.12
C MET A 110 1.52 -21.22 -11.15
N HIS A 111 2.42 -20.25 -11.12
CA HIS A 111 2.37 -19.17 -12.11
C HIS A 111 2.81 -19.64 -13.49
N ASN A 112 3.63 -20.69 -13.54
CA ASN A 112 4.09 -21.23 -14.82
C ASN A 112 3.22 -22.38 -15.31
N ALA A 113 2.43 -23.01 -14.43
CA ALA A 113 1.59 -24.12 -14.87
C ALA A 113 0.44 -23.64 -15.74
N VAL A 114 -0.10 -22.45 -15.44
CA VAL A 114 -1.19 -21.91 -16.23
C VAL A 114 -0.65 -21.42 -17.56
N GLU A 115 -1.33 -21.80 -18.65
CA GLU A 115 -0.92 -21.42 -20.00
C GLU A 115 -2.02 -20.72 -20.78
N HIS A 116 -3.27 -21.17 -20.64
CA HIS A 116 -4.39 -20.55 -21.35
C HIS A 116 -5.66 -20.79 -20.56
N ALA A 117 -6.37 -19.70 -20.25
CA ALA A 117 -7.62 -19.76 -19.49
C ALA A 117 -8.67 -18.95 -20.24
N SER A 118 -9.47 -19.63 -21.04
CA SER A 118 -10.51 -18.99 -21.84
C SER A 118 -11.86 -19.17 -21.16
N LEU A 119 -12.61 -18.07 -21.03
CA LEU A 119 -13.94 -18.09 -20.43
C LEU A 119 -14.98 -18.17 -21.54
N THR A 120 -15.45 -19.37 -21.82
CA THR A 120 -16.43 -19.57 -22.88
C THR A 120 -17.83 -19.27 -22.36
N PHE A 121 -18.57 -18.45 -23.12
CA PHE A 121 -19.94 -18.07 -22.76
C PHE A 121 -20.81 -18.22 -24.00
N ASN A 122 -21.85 -19.06 -23.89
CA ASN A 122 -22.77 -19.31 -25.00
C ASN A 122 -22.02 -19.83 -26.23
N ASP A 123 -21.07 -20.73 -26.01
CA ASP A 123 -20.25 -21.33 -27.06
C ASP A 123 -19.48 -20.26 -27.85
N ILE A 124 -19.18 -19.14 -27.20
CA ILE A 124 -18.44 -18.04 -27.81
C ILE A 124 -17.29 -17.66 -26.89
N CYS A 125 -16.08 -17.64 -27.43
CA CYS A 125 -14.89 -17.28 -26.65
C CYS A 125 -14.94 -15.79 -26.35
N ALA A 126 -15.41 -15.45 -25.14
CA ALA A 126 -15.50 -14.05 -24.75
C ALA A 126 -14.12 -13.47 -24.47
N GLN A 127 -13.38 -14.08 -23.55
CA GLN A 127 -12.06 -13.62 -23.20
C GLN A 127 -11.15 -14.83 -22.96
N GLN A 128 -9.85 -14.62 -23.17
CA GLN A 128 -8.85 -15.67 -22.97
C GLN A 128 -7.67 -15.10 -22.21
N PHE A 129 -7.07 -15.95 -21.38
CA PHE A 129 -5.92 -15.58 -20.56
C PHE A 129 -4.68 -16.33 -21.03
N ASN A 130 -3.53 -15.87 -20.54
CA ASN A 130 -2.25 -16.49 -20.88
C ASN A 130 -1.32 -16.38 -19.68
N THR A 131 -0.08 -16.83 -19.87
CA THR A 131 0.90 -16.76 -18.79
C THR A 131 1.39 -15.32 -18.56
N ALA A 132 1.31 -14.47 -19.59
CA ALA A 132 1.75 -13.09 -19.44
C ALA A 132 0.70 -12.22 -18.79
N TYR A 133 -0.58 -12.56 -18.98
CA TYR A 133 -1.66 -11.76 -18.38
C TYR A 133 -1.77 -11.98 -16.88
N LEU A 134 -1.37 -13.15 -16.38
CA LEU A 134 -1.43 -13.41 -14.95
C LEU A 134 -0.43 -12.55 -14.19
N ASP A 135 0.68 -12.18 -14.83
CA ASP A 135 1.66 -11.31 -14.20
C ASP A 135 1.45 -9.84 -14.52
N ALA A 136 0.75 -9.53 -15.61
CA ALA A 136 0.50 -8.14 -15.96
C ALA A 136 -0.63 -7.53 -15.13
N TRP A 137 -1.61 -8.35 -14.72
CA TRP A 137 -2.70 -7.83 -13.89
C TRP A 137 -2.22 -7.52 -12.48
N THR A 138 -1.16 -8.17 -12.02
CA THR A 138 -0.62 -7.88 -10.69
C THR A 138 0.04 -6.51 -10.66
N GLN A 139 0.69 -6.12 -11.75
CA GLN A 139 1.36 -4.82 -11.84
C GLN A 139 0.45 -3.73 -12.43
N PHE A 140 -0.86 -3.84 -12.22
CA PHE A 140 -1.79 -2.85 -12.76
C PHE A 140 -2.92 -2.58 -11.78
N ASN A 141 -3.86 -3.52 -11.64
CA ASN A 141 -4.98 -3.33 -10.75
C ASN A 141 -4.59 -3.51 -9.29
N MET A 142 -3.70 -4.45 -9.00
CA MET A 142 -3.25 -4.69 -7.63
C MET A 142 -2.30 -3.59 -7.17
N CYS A 143 -2.86 -2.51 -6.60
CA CYS A 143 -2.08 -1.37 -6.15
C CYS A 143 -1.98 -1.28 -4.63
N GLU A 144 -2.97 -1.76 -3.90
CA GLU A 144 -2.95 -1.70 -2.44
C GLU A 144 -2.12 -2.84 -1.86
N GLY A 145 -2.70 -3.59 -0.92
CA GLY A 145 -2.00 -4.71 -0.32
C GLY A 145 -2.24 -6.01 -1.04
N LYS A 146 -2.65 -5.93 -2.32
CA LYS A 146 -2.91 -7.13 -3.10
C LYS A 146 -1.64 -7.71 -3.70
N ARG A 147 -0.65 -6.86 -4.00
CA ARG A 147 0.60 -7.35 -4.59
C ARG A 147 1.51 -7.98 -3.55
N ILE A 148 1.49 -7.47 -2.32
CA ILE A 148 2.36 -8.01 -1.28
C ILE A 148 1.95 -9.45 -0.95
N GLY A 149 0.64 -9.68 -0.79
CA GLY A 149 0.15 -11.02 -0.52
C GLY A 149 0.22 -11.96 -1.71
N TYR A 150 0.29 -11.41 -2.92
CA TYR A 150 0.36 -12.26 -4.11
C TYR A 150 1.70 -12.96 -4.22
N ASP A 151 2.76 -12.38 -3.66
CA ASP A 151 4.09 -12.99 -3.73
C ASP A 151 4.22 -14.19 -2.79
N ASN A 152 3.40 -14.25 -1.74
CA ASN A 152 3.47 -15.35 -0.78
C ASN A 152 2.59 -16.53 -1.18
N MET A 153 1.50 -16.27 -1.90
CA MET A 153 0.59 -17.33 -2.32
C MET A 153 0.90 -17.87 -3.71
N ILE A 154 2.02 -17.47 -4.31
CA ILE A 154 2.39 -17.94 -5.64
C ILE A 154 3.81 -18.47 -5.61
N GLY A 155 4.78 -17.60 -5.34
CA GLY A 155 6.17 -18.00 -5.33
C GLY A 155 6.51 -18.79 -4.09
N ASN A 156 7.10 -19.97 -4.26
CA ASN A 156 7.51 -20.80 -3.14
C ASN A 156 8.75 -20.21 -2.47
N THR A 157 8.56 -19.47 -1.39
CA THR A 157 9.66 -18.82 -0.67
C THR A 157 9.67 -19.33 0.76
N SER A 158 10.66 -20.15 1.09
CA SER A 158 10.82 -20.65 2.45
C SER A 158 12.20 -20.32 2.99
N ASP A 159 13.22 -21.02 2.49
CA ASP A 159 14.60 -20.72 2.87
C ASP A 159 15.05 -19.44 2.20
N MET A 160 15.42 -18.43 2.99
CA MET A 160 15.78 -17.11 2.50
C MET A 160 14.64 -16.52 1.67
N THR A 161 13.50 -16.33 2.34
CA THR A 161 12.30 -15.84 1.66
C THR A 161 12.46 -14.38 1.25
N ASN A 162 11.62 -13.96 0.31
CA ASN A 162 11.62 -12.60 -0.19
C ASN A 162 10.26 -12.28 -0.80
N PRO A 163 9.51 -11.34 -0.23
CA PRO A 163 8.18 -11.01 -0.79
C PRO A 163 8.27 -10.29 -2.13
N THR A 164 8.71 -11.00 -3.16
CA THR A 164 8.86 -10.45 -4.50
C THR A 164 8.47 -11.52 -5.51
N PRO A 165 7.88 -11.13 -6.65
CA PRO A 165 7.52 -12.13 -7.67
C PRO A 165 8.72 -12.85 -8.26
N ALA A 166 9.91 -12.24 -8.22
CA ALA A 166 11.12 -12.86 -8.75
C ALA A 166 12.29 -12.47 -7.86
N GLN A 167 13.50 -12.73 -8.35
CA GLN A 167 14.74 -12.40 -7.64
C GLN A 167 14.76 -13.04 -6.26
N GLY A 168 15.05 -14.34 -6.19
CA GLY A 168 15.12 -15.04 -4.93
C GLY A 168 13.85 -15.79 -4.58
N GLN A 169 13.64 -16.94 -5.21
CA GLN A 169 12.45 -17.75 -4.95
C GLN A 169 12.84 -19.15 -4.51
N ASP A 170 13.77 -19.26 -3.55
CA ASP A 170 14.22 -20.56 -3.09
C ASP A 170 13.13 -21.26 -2.28
N GLY A 171 13.02 -22.57 -2.47
CA GLY A 171 12.02 -23.36 -1.79
C GLY A 171 12.39 -23.69 -0.36
N ALA A 172 11.97 -24.86 0.09
CA ALA A 172 12.20 -25.33 1.45
C ALA A 172 13.33 -26.37 1.41
N ARG A 173 13.19 -27.52 2.06
CA ARG A 173 14.26 -28.51 2.08
C ARG A 173 13.83 -29.79 1.35
N THR A 174 13.30 -30.76 2.10
CA THR A 174 12.88 -32.04 1.56
C THR A 174 11.39 -32.22 1.80
N LEU A 175 10.62 -32.37 0.72
CA LEU A 175 9.18 -32.59 0.75
C LEU A 175 8.47 -31.48 1.54
N PRO A 176 8.30 -30.30 0.95
CA PRO A 176 7.58 -29.22 1.64
C PRO A 176 6.08 -29.41 1.49
N SER A 177 5.39 -29.58 2.62
CA SER A 177 3.94 -29.78 2.64
C SER A 177 3.27 -28.41 2.69
N LYS A 178 2.78 -27.95 1.54
CA LYS A 178 2.11 -26.66 1.46
C LYS A 178 1.18 -26.66 0.25
N ASN A 179 0.35 -25.63 0.16
CA ASN A 179 -0.60 -25.49 -0.94
C ASN A 179 -0.51 -24.08 -1.51
N LEU A 180 -0.78 -23.97 -2.80
CA LEU A 180 -0.73 -22.70 -3.51
C LEU A 180 -2.11 -22.35 -4.04
N VAL A 181 -2.45 -21.06 -3.99
CA VAL A 181 -3.75 -20.56 -4.41
C VAL A 181 -3.54 -19.48 -5.46
N LEU A 182 -4.28 -19.56 -6.57
CA LEU A 182 -4.22 -18.58 -7.63
C LEU A 182 -5.62 -18.42 -8.23
N PRO A 183 -6.32 -17.34 -7.90
CA PRO A 183 -7.67 -17.15 -8.45
C PRO A 183 -7.62 -16.66 -9.90
N LEU A 184 -8.80 -16.58 -10.49
CA LEU A 184 -8.95 -16.12 -11.87
C LEU A 184 -9.71 -14.81 -11.90
N PRO A 185 -9.06 -13.68 -12.21
CA PRO A 185 -9.78 -12.40 -12.25
C PRO A 185 -10.70 -12.32 -13.45
N PHE A 186 -11.95 -11.95 -13.21
CA PHE A 186 -12.96 -11.80 -14.25
C PHE A 186 -13.52 -10.39 -14.23
N PHE A 187 -14.46 -10.12 -15.13
CA PHE A 187 -15.10 -8.82 -15.23
C PHE A 187 -16.29 -8.67 -14.30
N PHE A 188 -16.65 -9.72 -13.55
CA PHE A 188 -17.77 -9.66 -12.63
C PHE A 188 -17.38 -10.07 -11.21
N SER A 189 -16.08 -10.15 -10.92
CA SER A 189 -15.58 -10.52 -9.60
C SER A 189 -14.98 -9.34 -8.86
N ARG A 190 -15.43 -8.13 -9.16
CA ARG A 190 -14.93 -6.92 -8.52
C ARG A 190 -15.96 -6.22 -7.65
N ASP A 191 -17.24 -6.35 -7.95
CA ASP A 191 -18.29 -5.70 -7.17
C ASP A 191 -19.57 -6.51 -7.28
N CYS A 192 -20.43 -6.38 -6.27
CA CYS A 192 -21.69 -7.10 -6.27
C CYS A 192 -22.69 -6.52 -7.27
N GLY A 193 -22.59 -5.22 -7.56
CA GLY A 193 -23.50 -4.60 -8.50
C GLY A 193 -23.20 -4.91 -9.95
N LEU A 194 -21.98 -5.33 -10.26
CA LEU A 194 -21.58 -5.65 -11.62
C LEU A 194 -21.42 -7.15 -11.84
N ALA A 195 -22.00 -7.97 -10.96
CA ALA A 195 -21.90 -9.41 -11.10
C ALA A 195 -22.82 -9.91 -12.20
N LEU A 196 -22.40 -10.99 -12.86
CA LEU A 196 -23.17 -11.58 -13.94
C LEU A 196 -24.18 -12.56 -13.36
N PRO A 197 -25.48 -12.32 -13.47
CA PRO A 197 -26.47 -13.26 -12.92
C PRO A 197 -26.62 -14.49 -13.80
N THR A 198 -26.82 -15.63 -13.15
CA THR A 198 -27.00 -16.89 -13.85
C THR A 198 -28.45 -17.38 -13.85
N VAL A 199 -29.33 -16.77 -13.05
CA VAL A 199 -30.73 -17.18 -13.02
C VAL A 199 -31.54 -16.58 -14.15
N VAL A 200 -31.11 -15.45 -14.70
CA VAL A 200 -31.85 -14.82 -15.79
C VAL A 200 -31.68 -15.57 -17.11
N LEU A 201 -30.61 -16.34 -17.26
CA LEU A 201 -30.35 -17.11 -18.48
C LEU A 201 -29.72 -18.44 -18.09
N PRO A 202 -30.53 -19.41 -17.68
CA PRO A 202 -30.00 -20.73 -17.29
C PRO A 202 -29.74 -21.68 -18.45
N TYR A 203 -29.82 -21.21 -19.69
CA TYR A 203 -29.61 -22.06 -20.86
C TYR A 203 -28.21 -21.92 -21.45
N ASN A 204 -27.45 -20.90 -21.06
CA ASN A 204 -26.11 -20.71 -21.57
C ASN A 204 -25.15 -21.72 -20.97
N GLU A 205 -24.27 -22.28 -21.79
CA GLU A 205 -23.30 -23.28 -21.37
C GLU A 205 -21.96 -22.57 -21.16
N ILE A 206 -21.66 -22.27 -19.89
CA ILE A 206 -20.42 -21.62 -19.51
C ILE A 206 -19.44 -22.67 -19.02
N ARG A 207 -18.17 -22.53 -19.40
CA ARG A 207 -17.14 -23.48 -19.03
C ARG A 207 -15.78 -22.84 -19.22
N ILE A 208 -14.90 -23.02 -18.24
CA ILE A 208 -13.54 -22.49 -18.30
C ILE A 208 -12.56 -23.65 -18.47
N ASN A 209 -11.49 -23.39 -19.20
CA ASN A 209 -10.46 -24.39 -19.48
C ASN A 209 -9.15 -23.99 -18.82
N ILE A 210 -8.48 -24.95 -18.20
CA ILE A 210 -7.20 -24.73 -17.53
C ILE A 210 -6.19 -25.67 -18.17
N LYS A 211 -5.26 -25.11 -18.94
CA LYS A 211 -4.22 -25.89 -19.61
C LYS A 211 -2.98 -25.91 -18.72
N LEU A 212 -2.64 -27.08 -18.21
CA LEU A 212 -1.48 -27.23 -17.34
C LEU A 212 -0.20 -27.36 -18.16
N ARG A 213 0.94 -27.25 -17.48
CA ARG A 213 2.24 -27.34 -18.10
C ARG A 213 2.98 -28.56 -17.57
N SER A 214 3.63 -29.30 -18.48
CA SER A 214 4.38 -30.47 -18.08
C SER A 214 5.75 -30.13 -17.51
N LEU A 215 6.36 -29.05 -18.00
CA LEU A 215 7.68 -28.63 -17.53
C LEU A 215 7.55 -27.93 -16.18
N GLN A 216 8.14 -28.52 -15.15
CA GLN A 216 8.10 -27.98 -13.80
C GLN A 216 9.50 -27.64 -13.34
N GLU A 217 9.64 -26.51 -12.65
CA GLU A 217 10.93 -26.08 -12.14
C GLU A 217 11.32 -26.89 -10.91
N LEU A 218 12.63 -27.05 -10.73
CA LEU A 218 13.20 -27.80 -9.61
C LEU A 218 12.67 -29.24 -9.57
N LEU A 219 12.61 -29.86 -10.75
CA LEU A 219 12.12 -31.23 -10.86
C LEU A 219 12.74 -31.93 -12.07
N VAL A 220 12.74 -31.26 -13.22
CA VAL A 220 13.31 -31.82 -14.44
C VAL A 220 14.21 -30.78 -15.09
N PHE A 221 14.50 -29.69 -14.38
CA PHE A 221 15.34 -28.63 -14.88
C PHE A 221 16.20 -28.08 -13.75
N GLN A 222 17.35 -27.51 -14.12
CA GLN A 222 18.27 -26.94 -13.15
C GLN A 222 19.10 -25.84 -13.79
N ASN A 223 19.31 -25.91 -15.10
CA ASN A 223 20.08 -24.93 -15.84
C ASN A 223 19.15 -24.17 -16.79
N LYS A 224 19.75 -23.43 -17.73
CA LYS A 224 18.97 -22.66 -18.68
C LYS A 224 18.40 -23.53 -19.79
N ASP A 225 19.21 -24.47 -20.30
CA ASP A 225 18.77 -25.37 -21.36
C ASP A 225 18.53 -26.73 -20.74
N THR A 226 19.43 -27.71 -20.92
CA THR A 226 19.27 -29.04 -20.36
C THR A 226 20.36 -29.27 -19.32
N GLY A 227 19.96 -29.82 -18.16
CA GLY A 227 20.90 -30.09 -17.10
C GLY A 227 21.28 -31.55 -16.99
N ASN A 228 22.25 -31.97 -17.81
CA ASN A 228 22.76 -33.34 -17.84
C ASN A 228 21.68 -34.36 -18.17
N VAL A 229 20.58 -33.91 -18.78
CA VAL A 229 19.46 -34.76 -19.19
C VAL A 229 18.94 -35.55 -18.00
N ILE A 230 18.07 -34.93 -17.21
CA ILE A 230 17.45 -35.58 -16.06
C ILE A 230 15.95 -35.68 -16.29
N PRO A 231 15.45 -36.77 -16.87
CA PRO A 231 14.01 -36.89 -17.10
C PRO A 231 13.25 -37.38 -15.88
N ILE A 232 13.84 -38.32 -15.14
CA ILE A 232 13.20 -38.90 -13.97
C ILE A 232 14.27 -39.47 -13.04
N SER A 233 15.51 -39.44 -13.50
CA SER A 233 16.62 -39.95 -12.70
C SER A 233 16.82 -39.11 -11.44
N ALA A 234 17.39 -39.74 -10.42
CA ALA A 234 17.64 -39.11 -9.12
C ALA A 234 19.15 -39.05 -8.90
N THR A 235 19.79 -38.04 -9.48
CA THR A 235 21.22 -37.83 -9.32
C THR A 235 21.47 -37.21 -7.96
N ASP A 236 21.83 -38.04 -6.99
CA ASP A 236 22.07 -37.61 -5.61
C ASP A 236 20.84 -36.90 -5.03
N ILE A 237 19.66 -37.42 -5.35
CA ILE A 237 18.39 -36.87 -4.91
C ILE A 237 18.27 -35.42 -5.38
N ALA A 238 17.82 -35.23 -6.61
CA ALA A 238 17.67 -33.89 -7.17
C ALA A 238 16.64 -33.89 -8.30
N GLY A 239 16.07 -35.05 -8.59
CA GLY A 239 15.08 -35.16 -9.64
C GLY A 239 14.22 -36.41 -9.52
N GLY A 240 14.31 -37.08 -8.38
CA GLY A 240 13.55 -38.29 -8.13
C GLY A 240 12.35 -38.05 -7.24
N LEU A 241 11.55 -39.11 -7.09
CA LEU A 241 10.33 -39.09 -6.27
C LEU A 241 9.38 -37.98 -6.72
N ALA A 242 9.24 -37.82 -8.03
CA ALA A 242 8.36 -36.80 -8.60
C ALA A 242 6.91 -37.21 -8.43
N ASP A 243 6.08 -36.28 -7.94
CA ASP A 243 4.67 -36.52 -7.73
C ASP A 243 3.84 -35.63 -8.64
N THR A 244 2.59 -36.02 -8.86
CA THR A 244 1.68 -35.26 -9.70
C THR A 244 1.09 -34.09 -8.91
N VAL A 245 0.28 -33.29 -9.59
CA VAL A 245 -0.35 -32.12 -8.98
C VAL A 245 -1.85 -32.39 -8.85
N GLU A 246 -2.43 -31.88 -7.77
CA GLU A 246 -3.85 -32.03 -7.50
C GLU A 246 -4.55 -30.71 -7.71
N ALA A 247 -5.70 -30.74 -8.39
CA ALA A 247 -6.48 -29.54 -8.69
C ALA A 247 -7.77 -29.58 -7.91
N TYR A 248 -7.95 -28.60 -7.03
CA TYR A 248 -9.15 -28.46 -6.21
C TYR A 248 -9.83 -27.16 -6.59
N VAL A 249 -10.88 -27.24 -7.41
CA VAL A 249 -11.61 -26.09 -7.90
C VAL A 249 -12.93 -25.98 -7.16
N TYR A 250 -13.30 -24.76 -6.78
CA TYR A 250 -14.54 -24.50 -6.09
C TYR A 250 -15.05 -23.12 -6.47
N MET A 251 -16.35 -23.02 -6.77
CA MET A 251 -16.98 -21.77 -7.18
C MET A 251 -18.18 -21.51 -6.28
N THR A 252 -18.24 -20.30 -5.72
CA THR A 252 -19.35 -19.94 -4.85
C THR A 252 -20.63 -19.77 -5.66
N VAL A 253 -21.76 -19.96 -4.99
CA VAL A 253 -23.08 -19.86 -5.60
C VAL A 253 -23.83 -18.70 -4.95
N GLY A 254 -24.37 -17.82 -5.78
CA GLY A 254 -25.12 -16.68 -5.26
C GLY A 254 -26.55 -17.06 -4.90
N LEU A 255 -27.03 -16.49 -3.79
CA LEU A 255 -28.38 -16.75 -3.30
C LEU A 255 -29.09 -15.42 -3.08
N VAL A 256 -30.15 -15.20 -3.84
CA VAL A 256 -30.93 -13.96 -3.73
C VAL A 256 -32.33 -14.32 -3.24
N SER A 257 -32.86 -13.45 -2.38
CA SER A 257 -34.18 -13.67 -1.81
C SER A 257 -35.25 -13.71 -2.91
N ASN A 258 -36.36 -14.38 -2.60
CA ASN A 258 -37.43 -14.57 -3.57
C ASN A 258 -38.14 -13.26 -3.94
N VAL A 259 -37.95 -12.20 -3.16
CA VAL A 259 -38.59 -10.93 -3.49
C VAL A 259 -37.94 -10.30 -4.72
N GLU A 260 -36.62 -10.37 -4.80
CA GLU A 260 -35.88 -9.81 -5.94
C GLU A 260 -35.47 -10.86 -6.95
N ARG A 261 -35.80 -12.13 -6.72
CA ARG A 261 -35.43 -13.17 -7.68
C ARG A 261 -36.35 -13.18 -8.90
N CYS A 262 -37.64 -12.94 -8.70
CA CYS A 262 -38.57 -12.93 -9.82
C CYS A 262 -38.39 -11.69 -10.70
N ALA A 263 -38.04 -10.56 -10.10
CA ALA A 263 -37.83 -9.33 -10.86
C ALA A 263 -36.53 -9.35 -11.66
N MET A 264 -35.55 -10.15 -11.25
CA MET A 264 -34.28 -10.21 -11.97
C MET A 264 -34.38 -11.07 -13.22
N ALA A 265 -35.11 -12.19 -13.14
CA ALA A 265 -35.27 -13.08 -14.28
C ALA A 265 -36.57 -12.76 -15.01
N GLY A 266 -36.52 -11.69 -15.79
CA GLY A 266 -37.67 -11.25 -16.54
C GLY A 266 -37.54 -9.83 -17.06
N THR A 267 -36.70 -9.04 -16.42
CA THR A 267 -36.46 -7.65 -16.80
C THR A 267 -35.18 -7.53 -17.60
N VAL A 268 -35.21 -6.70 -18.64
CA VAL A 268 -34.03 -6.50 -19.47
C VAL A 268 -32.98 -5.72 -18.68
N ARG A 269 -31.75 -6.22 -18.67
CA ARG A 269 -30.65 -5.61 -17.95
C ARG A 269 -29.49 -5.37 -18.91
N ASP A 270 -29.08 -4.12 -19.03
CA ASP A 270 -27.96 -3.73 -19.90
C ASP A 270 -26.71 -3.62 -19.04
N MET A 271 -25.88 -4.65 -19.10
CA MET A 271 -24.66 -4.71 -18.31
C MET A 271 -23.44 -4.35 -19.17
N VAL A 272 -22.39 -3.90 -18.51
CA VAL A 272 -21.13 -3.55 -19.16
C VAL A 272 -20.05 -4.48 -18.64
N VAL A 273 -19.24 -5.03 -19.55
CA VAL A 273 -18.19 -5.97 -19.21
C VAL A 273 -16.86 -5.44 -19.75
N GLU A 274 -15.77 -6.05 -19.29
CA GLU A 274 -14.41 -5.71 -19.72
C GLU A 274 -13.70 -7.02 -20.05
N GLN A 275 -13.78 -7.40 -21.33
CA GLN A 275 -13.18 -8.65 -21.78
C GLN A 275 -11.69 -8.46 -22.07
N MET A 276 -11.02 -9.55 -22.38
CA MET A 276 -9.59 -9.55 -22.70
C MET A 276 -9.39 -10.12 -24.11
N GLN A 277 -8.32 -9.67 -24.76
CA GLN A 277 -7.97 -10.12 -26.09
C GLN A 277 -6.46 -10.27 -26.19
N ALA A 278 -6.02 -11.44 -26.66
CA ALA A 278 -4.61 -11.74 -26.81
C ALA A 278 -4.30 -12.10 -28.26
N ALA A 279 -3.03 -11.94 -28.63
CA ALA A 279 -2.57 -12.25 -29.98
C ALA A 279 -1.10 -12.62 -29.93
N PRO A 280 -0.80 -13.92 -29.83
CA PRO A 280 0.61 -14.34 -29.77
C PRO A 280 1.28 -14.17 -31.12
N THR A 281 2.46 -13.54 -31.11
CA THR A 281 3.22 -13.31 -32.34
C THR A 281 4.58 -13.98 -32.26
N HIS A 282 5.58 -13.38 -32.89
CA HIS A 282 6.93 -13.93 -32.89
C HIS A 282 7.93 -12.79 -33.07
N ILE A 283 8.96 -12.78 -32.22
CA ILE A 283 9.99 -11.75 -32.27
C ILE A 283 11.20 -12.32 -33.02
N VAL A 284 12.02 -11.42 -33.57
CA VAL A 284 13.19 -11.83 -34.32
C VAL A 284 14.22 -12.45 -33.37
N ASN A 285 15.04 -13.33 -33.91
CA ASN A 285 16.06 -14.00 -33.11
C ASN A 285 17.16 -13.00 -32.72
N PRO A 286 17.68 -13.08 -31.50
CA PRO A 286 18.76 -12.16 -31.09
C PRO A 286 20.03 -12.42 -31.88
N GLN A 287 20.50 -11.41 -32.59
CA GLN A 287 21.72 -11.52 -33.38
C GLN A 287 22.44 -10.17 -33.45
N ASN A 288 22.95 -9.83 -34.65
CA ASN A 288 23.63 -8.55 -34.81
C ASN A 288 22.65 -7.39 -34.78
N THR A 289 21.51 -7.53 -35.45
CA THR A 289 20.47 -6.52 -35.49
C THR A 289 19.17 -7.10 -34.94
N ASN A 290 18.42 -6.27 -34.21
CA ASN A 290 17.15 -6.66 -33.61
C ASN A 290 16.14 -5.57 -33.86
N ASN A 291 15.22 -5.82 -34.79
CA ASN A 291 14.18 -4.85 -35.12
C ASN A 291 13.00 -5.59 -35.74
N VAL A 292 11.80 -5.37 -35.19
CA VAL A 292 10.60 -6.00 -35.67
C VAL A 292 9.55 -4.93 -35.97
N HIS A 293 8.53 -5.32 -36.73
CA HIS A 293 7.46 -4.41 -37.10
C HIS A 293 6.18 -5.17 -37.41
N VAL A 294 5.78 -6.07 -36.51
CA VAL A 294 4.58 -6.87 -36.70
C VAL A 294 3.35 -6.03 -36.36
N ASP A 295 2.37 -6.03 -37.25
CA ASP A 295 1.15 -5.28 -37.02
C ASP A 295 0.31 -5.92 -35.92
N MET A 296 -0.57 -5.11 -35.33
CA MET A 296 -1.44 -5.55 -34.25
C MET A 296 -2.87 -5.12 -34.57
N ARG A 297 -3.78 -6.09 -34.64
CA ARG A 297 -5.18 -5.82 -34.93
C ARG A 297 -6.05 -6.45 -33.85
N PHE A 298 -7.19 -5.81 -33.58
CA PHE A 298 -8.10 -6.29 -32.56
C PHE A 298 -9.55 -6.16 -33.03
N SER A 299 -10.43 -5.72 -32.13
CA SER A 299 -11.84 -5.58 -32.46
C SER A 299 -12.34 -4.16 -32.20
N HIS A 300 -13.02 -3.95 -31.08
CA HIS A 300 -13.58 -2.65 -30.75
C HIS A 300 -12.53 -1.76 -30.08
N ALA A 301 -12.99 -0.90 -29.17
CA ALA A 301 -12.08 0.02 -28.49
C ALA A 301 -11.24 -0.73 -27.46
N VAL A 302 -9.96 -0.38 -27.39
CA VAL A 302 -9.01 -0.99 -26.46
C VAL A 302 -8.56 0.07 -25.47
N LYS A 303 -8.57 -0.29 -24.18
CA LYS A 303 -8.17 0.65 -23.14
C LYS A 303 -6.67 0.94 -23.22
N ALA A 304 -5.84 -0.08 -23.15
CA ALA A 304 -4.40 0.09 -23.21
C ALA A 304 -3.76 -1.19 -23.74
N LEU A 305 -2.51 -1.07 -24.19
CA LEU A 305 -1.75 -2.19 -24.72
C LEU A 305 -0.62 -2.53 -23.76
N PHE A 306 -0.38 -3.83 -23.60
CA PHE A 306 0.69 -4.29 -22.70
C PHE A 306 1.11 -5.69 -23.13
N PHE A 307 2.40 -5.95 -23.00
CA PHE A 307 2.98 -7.25 -23.33
C PHE A 307 4.21 -7.48 -22.48
N MET A 308 4.78 -8.67 -22.60
CA MET A 308 5.97 -9.04 -21.82
C MET A 308 6.70 -10.16 -22.54
N VAL A 309 7.99 -9.98 -22.76
CA VAL A 309 8.83 -10.99 -23.38
C VAL A 309 9.27 -11.98 -22.31
N GLN A 310 8.93 -13.26 -22.51
CA GLN A 310 9.21 -14.30 -21.54
C GLN A 310 10.00 -15.42 -22.20
N ASN A 311 10.69 -16.20 -21.37
CA ASN A 311 11.50 -17.32 -21.84
C ASN A 311 10.61 -18.55 -22.01
N VAL A 312 11.24 -19.70 -22.26
CA VAL A 312 10.49 -20.95 -22.40
C VAL A 312 10.50 -21.76 -21.10
N THR A 313 11.57 -21.66 -20.31
CA THR A 313 11.68 -22.36 -19.03
C THR A 313 11.70 -21.39 -17.86
N TYR A 314 12.71 -20.52 -17.80
CA TYR A 314 12.80 -19.51 -16.74
C TYR A 314 12.26 -18.18 -17.28
N LYS A 315 10.92 -18.14 -17.43
CA LYS A 315 10.26 -16.97 -17.99
C LYS A 315 10.27 -15.78 -17.03
N SER A 316 10.52 -16.02 -15.74
CA SER A 316 10.55 -14.96 -14.74
C SER A 316 11.96 -14.43 -14.49
N VAL A 317 12.80 -14.42 -15.52
CA VAL A 317 14.18 -13.96 -15.42
C VAL A 317 14.37 -12.84 -16.44
N GLY A 318 14.83 -11.68 -15.97
CA GLY A 318 15.04 -10.54 -16.83
C GLY A 318 16.49 -10.38 -17.27
N SER A 319 17.38 -10.18 -16.31
CA SER A 319 18.80 -10.01 -16.63
C SER A 319 19.41 -11.34 -17.04
N ASN A 320 20.53 -11.24 -17.78
CA ASN A 320 21.22 -12.43 -18.24
C ASN A 320 21.96 -13.11 -17.10
N TYR A 321 22.09 -14.42 -17.19
CA TYR A 321 22.79 -15.19 -16.16
C TYR A 321 24.29 -14.98 -16.26
N THR A 322 24.97 -15.16 -15.12
CA THR A 322 26.41 -15.00 -15.03
C THR A 322 26.99 -16.16 -14.24
N CYS A 323 28.14 -16.66 -14.69
CA CYS A 323 28.82 -17.79 -14.05
C CYS A 323 29.73 -17.34 -12.91
N VAL A 324 29.43 -16.22 -12.27
CA VAL A 324 30.21 -15.70 -11.15
C VAL A 324 29.34 -15.73 -9.91
N THR A 325 29.91 -16.24 -8.81
CA THR A 325 29.17 -16.32 -7.56
C THR A 325 28.89 -14.92 -7.01
N PRO A 326 27.72 -14.68 -6.40
CA PRO A 326 26.62 -15.65 -6.26
C PRO A 326 25.48 -15.43 -7.24
N VAL A 327 25.61 -15.95 -8.45
CA VAL A 327 24.57 -15.83 -9.46
C VAL A 327 24.14 -17.21 -9.93
N ASN A 328 25.10 -18.00 -10.41
CA ASN A 328 24.85 -19.35 -10.90
C ASN A 328 25.87 -20.30 -10.28
N GLY A 329 25.46 -21.03 -9.25
CA GLY A 329 26.32 -21.97 -8.58
C GLY A 329 27.44 -21.30 -7.81
N PRO A 330 27.14 -20.86 -6.57
CA PRO A 330 25.82 -20.96 -5.94
C PRO A 330 24.88 -19.84 -6.37
N GLY A 331 23.58 -20.14 -6.44
CA GLY A 331 22.61 -19.16 -6.88
C GLY A 331 21.78 -18.56 -5.76
N ASN A 332 22.42 -17.71 -4.95
CA ASN A 332 21.68 -17.03 -3.89
C ASN A 332 20.72 -16.00 -4.46
N THR A 333 21.04 -15.42 -5.62
CA THR A 333 20.18 -14.46 -6.30
C THR A 333 19.97 -14.92 -7.74
N VAL A 334 18.72 -14.84 -8.19
CA VAL A 334 18.41 -15.28 -9.56
C VAL A 334 19.05 -14.35 -10.59
N MET A 335 18.76 -13.07 -10.49
CA MET A 335 19.31 -12.09 -11.42
C MET A 335 19.39 -10.73 -10.73
N GLU A 336 20.23 -9.86 -11.27
CA GLU A 336 20.39 -8.52 -10.74
C GLU A 336 19.25 -7.62 -11.22
N PRO A 337 18.89 -6.61 -10.41
CA PRO A 337 17.81 -5.69 -10.82
C PRO A 337 18.25 -4.72 -11.88
N ALA A 338 17.74 -3.48 -11.80
CA ALA A 338 18.04 -2.40 -12.74
C ALA A 338 17.55 -2.72 -14.15
N MET A 339 16.57 -1.94 -14.63
CA MET A 339 16.01 -2.19 -15.95
C MET A 339 17.03 -1.93 -17.07
N SER A 340 18.12 -1.23 -16.79
CA SER A 340 19.13 -0.97 -17.81
C SER A 340 19.89 -2.24 -18.19
N VAL A 341 19.93 -3.24 -17.31
CA VAL A 341 20.63 -4.49 -17.62
C VAL A 341 19.80 -5.39 -18.54
N ASP A 342 18.51 -5.11 -18.69
CA ASP A 342 17.66 -5.92 -19.54
C ASP A 342 18.08 -5.77 -21.01
N PRO A 343 18.11 -6.86 -21.77
CA PRO A 343 18.51 -6.75 -23.19
C PRO A 343 17.59 -5.90 -24.03
N ILE A 344 16.33 -5.70 -23.61
CA ILE A 344 15.40 -4.89 -24.36
C ILE A 344 15.82 -3.43 -24.28
N LYS A 345 16.07 -2.81 -25.43
CA LYS A 345 16.52 -1.42 -25.45
C LYS A 345 15.35 -0.46 -25.25
N SER A 346 14.53 -0.29 -26.27
CA SER A 346 13.39 0.62 -26.21
C SER A 346 12.27 0.08 -27.10
N ALA A 347 11.18 0.82 -27.17
CA ALA A 347 10.04 0.45 -27.99
C ALA A 347 9.30 1.72 -28.42
N SER A 348 8.34 1.53 -29.31
CA SER A 348 7.55 2.65 -29.83
C SER A 348 6.24 2.12 -30.38
N LEU A 349 5.13 2.69 -29.92
CA LEU A 349 3.81 2.28 -30.39
C LEU A 349 3.38 3.12 -31.59
N THR A 350 2.79 2.46 -32.57
CA THR A 350 2.33 3.10 -33.80
C THR A 350 0.83 3.33 -33.72
N TYR A 351 0.38 4.50 -34.15
CA TYR A 351 -1.04 4.84 -34.14
C TYR A 351 -1.34 5.79 -35.28
N GLU A 352 -2.21 5.37 -36.19
CA GLU A 352 -2.63 6.18 -37.34
C GLU A 352 -1.43 6.59 -38.21
N ASN A 353 -0.42 5.71 -38.29
CA ASN A 353 0.79 5.97 -39.08
C ASN A 353 1.47 7.27 -38.65
N THR A 354 1.38 7.57 -37.36
CA THR A 354 1.98 8.78 -36.80
C THR A 354 2.60 8.45 -35.46
N THR A 355 3.51 9.32 -35.00
CA THR A 355 4.17 9.12 -33.73
C THR A 355 3.17 9.18 -32.59
N ARG A 356 3.44 8.43 -31.52
CA ARG A 356 2.56 8.37 -30.37
C ARG A 356 3.24 8.82 -29.08
N LEU A 357 4.53 8.52 -28.94
CA LEU A 357 5.29 8.92 -27.76
C LEU A 357 6.76 8.98 -28.12
N ALA A 358 7.51 9.75 -27.35
CA ALA A 358 8.94 9.90 -27.60
C ALA A 358 9.67 8.60 -27.34
N ASN A 359 10.78 8.41 -28.05
CA ASN A 359 11.59 7.20 -27.94
C ASN A 359 12.29 7.21 -26.58
N MET A 360 11.62 6.64 -25.57
CA MET A 360 12.17 6.55 -24.22
C MET A 360 12.67 5.15 -23.95
N GLY A 361 13.50 5.02 -22.91
CA GLY A 361 14.07 3.75 -22.55
C GLY A 361 13.07 2.86 -21.85
N VAL A 362 13.57 1.70 -21.40
CA VAL A 362 12.71 0.73 -20.72
C VAL A 362 12.37 1.19 -19.30
N GLU A 363 13.15 2.12 -18.74
CA GLU A 363 12.86 2.62 -17.40
C GLU A 363 11.65 3.55 -17.36
N TYR A 364 11.19 4.03 -18.51
CA TYR A 364 10.03 4.92 -18.57
C TYR A 364 8.75 4.19 -18.97
N TYR A 365 8.84 3.18 -19.84
CA TYR A 365 7.65 2.46 -20.27
C TYR A 365 7.23 1.37 -19.31
N SER A 366 8.12 0.97 -18.40
CA SER A 366 7.82 -0.10 -17.45
C SER A 366 7.59 0.40 -16.03
N LEU A 367 8.13 1.55 -15.67
CA LEU A 367 8.01 2.11 -14.33
C LEU A 367 7.09 3.32 -14.27
N VAL A 368 7.35 4.32 -15.10
CA VAL A 368 6.57 5.56 -15.04
C VAL A 368 5.18 5.37 -15.65
N GLN A 369 5.05 4.50 -16.66
CA GLN A 369 3.75 4.31 -17.29
C GLN A 369 2.75 3.66 -16.35
N PRO A 370 3.06 2.57 -15.64
CA PRO A 370 2.10 2.05 -14.65
C PRO A 370 2.00 2.90 -13.40
N TRP A 371 2.89 3.89 -13.22
CA TRP A 371 2.86 4.75 -12.05
C TRP A 371 1.74 5.79 -12.11
N TYR A 372 1.26 6.12 -13.30
CA TYR A 372 0.19 7.11 -13.44
C TYR A 372 -1.14 6.53 -13.01
N PHE A 373 -1.89 5.97 -13.97
CA PHE A 373 -3.17 5.35 -13.66
C PHE A 373 -2.95 4.05 -12.89
N SER A 374 -3.52 3.96 -11.68
CA SER A 374 -3.36 2.81 -10.81
C SER A 374 -1.88 2.54 -10.54
N ALA A 375 -1.31 3.28 -9.58
CA ALA A 375 0.11 3.17 -9.26
C ALA A 375 0.40 1.79 -8.68
N SER A 376 1.01 0.93 -9.48
CA SER A 376 1.38 -0.41 -9.06
C SER A 376 2.83 -0.66 -9.46
N ILE A 377 3.65 -1.05 -8.50
CA ILE A 377 5.06 -1.30 -8.78
C ILE A 377 5.21 -2.56 -9.60
N PRO A 378 6.08 -2.59 -10.62
CA PRO A 378 6.22 -3.81 -11.43
C PRO A 378 7.33 -4.71 -10.92
N VAL A 379 8.12 -5.28 -11.85
CA VAL A 379 9.23 -6.15 -11.51
C VAL A 379 10.25 -6.07 -12.64
N TYR A 380 11.48 -6.47 -12.33
CA TYR A 380 12.59 -6.44 -13.29
C TYR A 380 12.55 -7.73 -14.09
N THR A 381 11.89 -7.71 -15.25
CA THR A 381 11.80 -8.87 -16.11
C THR A 381 11.72 -8.46 -17.58
N GLY A 382 10.76 -7.59 -17.91
CA GLY A 382 10.60 -7.14 -19.27
C GLY A 382 9.16 -6.82 -19.61
N TYR A 383 8.49 -6.05 -18.75
CA TYR A 383 7.10 -5.69 -18.94
C TYR A 383 6.99 -4.35 -19.66
N HIS A 384 5.99 -4.23 -20.53
CA HIS A 384 5.73 -3.01 -21.26
C HIS A 384 4.29 -2.57 -21.03
N MET A 385 4.07 -1.27 -20.93
CA MET A 385 2.75 -0.72 -20.68
C MET A 385 2.72 0.73 -21.11
N TYR A 386 1.54 1.19 -21.51
CA TYR A 386 1.32 2.58 -21.90
C TYR A 386 0.03 3.07 -21.29
N SER A 387 0.12 4.12 -20.47
CA SER A 387 -1.06 4.67 -19.83
C SER A 387 -1.92 5.42 -20.84
N TYR A 388 -3.24 5.24 -20.73
CA TYR A 388 -4.17 5.89 -21.65
C TYR A 388 -5.43 6.33 -20.95
N ALA A 389 -6.42 5.44 -20.85
CA ALA A 389 -7.68 5.78 -20.22
C ALA A 389 -7.52 5.88 -18.70
N LEU A 390 -8.49 6.54 -18.07
CA LEU A 390 -8.50 6.72 -16.63
C LEU A 390 -9.75 6.18 -15.96
N ASN A 391 -10.72 5.68 -16.73
CA ASN A 391 -11.96 5.13 -16.19
C ASN A 391 -12.22 3.78 -16.84
N VAL A 392 -12.09 2.72 -16.06
CA VAL A 392 -12.30 1.35 -16.54
C VAL A 392 -13.62 0.86 -15.94
N GLY A 393 -14.62 0.69 -16.80
CA GLY A 393 -15.92 0.22 -16.36
C GLY A 393 -16.89 1.36 -16.09
N SER A 394 -17.35 2.02 -17.15
CA SER A 394 -18.29 3.12 -17.03
C SER A 394 -19.34 2.99 -18.13
N VAL A 395 -20.24 3.98 -18.20
CA VAL A 395 -21.30 3.98 -19.19
C VAL A 395 -20.95 4.82 -20.41
N HIS A 396 -19.77 5.43 -20.44
CA HIS A 396 -19.34 6.24 -21.58
C HIS A 396 -17.82 6.22 -21.70
N PRO A 397 -17.29 5.72 -22.82
CA PRO A 397 -15.83 5.70 -22.98
C PRO A 397 -15.24 7.09 -23.10
N SER A 398 -14.52 7.52 -22.07
CA SER A 398 -13.90 8.85 -22.05
C SER A 398 -12.42 8.69 -22.37
N GLY A 399 -12.13 8.53 -23.65
CA GLY A 399 -10.77 8.37 -24.12
C GLY A 399 -10.36 6.92 -24.26
N SER A 400 -10.74 6.30 -25.37
CA SER A 400 -10.41 4.91 -25.65
C SER A 400 -9.99 4.76 -27.10
N THR A 401 -9.00 3.91 -27.34
CA THR A 401 -8.50 3.67 -28.69
C THR A 401 -9.50 2.88 -29.50
N ASN A 402 -10.46 3.56 -30.13
CA ASN A 402 -11.48 2.91 -30.94
C ASN A 402 -10.83 2.34 -32.20
N TYR A 403 -10.64 1.03 -32.23
CA TYR A 403 -10.02 0.36 -33.36
C TYR A 403 -11.01 0.02 -34.47
N GLY A 404 -12.26 0.47 -34.36
CA GLY A 404 -13.24 0.20 -35.39
C GLY A 404 -13.01 0.95 -36.69
N ARG A 405 -12.29 2.07 -36.62
CA ARG A 405 -11.98 2.87 -37.81
C ARG A 405 -10.50 2.92 -38.11
N LEU A 406 -9.65 2.34 -37.26
CA LEU A 406 -8.22 2.35 -37.48
C LEU A 406 -7.80 1.16 -38.33
N THR A 407 -6.89 1.40 -39.28
CA THR A 407 -6.41 0.35 -40.17
C THR A 407 -4.88 0.27 -40.18
N ASN A 408 -4.21 0.87 -39.21
CA ASN A 408 -2.74 0.84 -39.16
C ASN A 408 -2.31 0.88 -37.71
N ALA A 409 -1.79 -0.23 -37.21
CA ALA A 409 -1.32 -0.31 -35.83
C ALA A 409 -0.28 -1.42 -35.74
N SER A 410 0.92 -1.07 -35.28
CA SER A 410 2.01 -2.03 -35.16
C SER A 410 2.78 -1.75 -33.88
N ILE A 411 3.85 -2.51 -33.66
CA ILE A 411 4.69 -2.37 -32.48
C ILE A 411 6.10 -2.83 -32.84
N THR A 412 7.09 -2.19 -32.25
CA THR A 412 8.49 -2.53 -32.47
C THR A 412 9.19 -2.77 -31.14
N VAL A 413 10.15 -3.69 -31.15
CA VAL A 413 10.92 -4.05 -29.97
C VAL A 413 12.39 -4.07 -30.36
N THR A 414 13.19 -3.25 -29.69
CA THR A 414 14.62 -3.17 -29.93
C THR A 414 15.37 -3.88 -28.81
N MET A 415 16.25 -4.79 -29.19
CA MET A 415 17.05 -5.57 -28.24
C MET A 415 18.52 -5.24 -28.41
N SER A 416 19.37 -5.91 -27.59
CA SER A 416 20.80 -5.69 -27.61
C SER A 416 21.52 -6.84 -28.30
N PRO A 417 22.61 -6.56 -29.02
CA PRO A 417 23.34 -7.65 -29.68
C PRO A 417 24.12 -8.52 -28.70
N GLU A 418 24.69 -9.62 -29.19
CA GLU A 418 25.43 -10.54 -28.34
C GLU A 418 26.92 -10.21 -28.37
N SER A 419 27.70 -11.04 -29.07
CA SER A 419 29.15 -10.86 -29.19
C SER A 419 29.83 -10.84 -27.83
N VAL A 420 29.31 -11.67 -26.91
CA VAL A 420 29.87 -11.76 -25.56
C VAL A 420 29.47 -13.12 -24.99
N VAL A 421 30.22 -13.58 -24.00
CA VAL A 421 29.95 -14.87 -23.36
C VAL A 421 28.90 -14.67 -22.26
N ALA A 422 28.37 -15.77 -21.75
CA ALA A 422 27.37 -15.73 -20.69
C ALA A 422 27.96 -15.84 -19.30
N ALA A 423 29.27 -15.60 -19.16
CA ALA A 423 29.95 -15.66 -17.87
C ALA A 423 30.40 -14.30 -17.37
N ALA A 424 30.03 -13.22 -18.07
CA ALA A 424 30.41 -11.87 -17.67
C ALA A 424 29.24 -10.99 -17.27
N GLY A 425 28.03 -11.31 -17.71
CA GLY A 425 26.85 -10.53 -17.39
C GLY A 425 26.15 -10.01 -18.63
N GLY A 426 25.08 -9.26 -18.40
CA GLY A 426 24.32 -8.69 -19.48
C GLY A 426 24.41 -7.18 -19.55
N GLY A 427 23.36 -6.54 -20.05
CA GLY A 427 23.35 -5.09 -20.16
C GLY A 427 22.51 -4.67 -21.35
N ASN A 428 22.50 -3.35 -21.57
CA ASN A 428 21.75 -2.77 -22.68
C ASN A 428 22.49 -2.83 -24.01
N ASN A 429 23.74 -3.32 -24.02
CA ASN A 429 24.52 -3.43 -25.24
C ASN A 429 25.07 -4.82 -25.51
N ASN A 430 25.17 -5.69 -24.51
CA ASN A 430 25.69 -7.04 -24.69
C ASN A 430 24.84 -8.02 -23.90
N SER A 431 24.64 -9.21 -24.46
CA SER A 431 23.85 -10.25 -23.82
C SER A 431 24.47 -11.61 -24.13
N GLY A 432 24.44 -12.50 -23.15
CA GLY A 432 25.00 -13.82 -23.28
C GLY A 432 24.09 -14.77 -24.03
N TYR A 433 24.10 -16.03 -23.60
CA TYR A 433 23.28 -17.06 -24.23
C TYR A 433 21.87 -17.12 -23.67
N ASN A 434 21.51 -16.23 -22.74
CA ASN A 434 20.17 -16.19 -22.16
C ASN A 434 19.22 -15.30 -22.93
N GLU A 435 19.53 -14.98 -24.18
CA GLU A 435 18.69 -14.11 -24.99
C GLU A 435 17.91 -14.89 -26.06
N PRO A 436 18.53 -15.84 -26.78
CA PRO A 436 17.73 -16.64 -27.73
C PRO A 436 16.70 -17.54 -27.07
N GLN A 437 16.72 -17.70 -25.75
CA GLN A 437 15.73 -18.54 -25.08
C GLN A 437 14.36 -17.90 -25.10
N ARG A 438 14.28 -16.58 -25.06
CA ARG A 438 13.01 -15.86 -25.08
C ARG A 438 12.71 -15.43 -26.52
N PHE A 439 11.61 -15.96 -27.08
CA PHE A 439 11.25 -15.62 -28.45
C PHE A 439 9.74 -15.56 -28.65
N ALA A 440 8.95 -15.45 -27.59
CA ALA A 440 7.50 -15.40 -27.68
C ALA A 440 7.03 -13.99 -27.34
N LEU A 441 6.41 -13.32 -28.30
CA LEU A 441 5.90 -11.96 -28.13
C LEU A 441 4.38 -12.03 -28.15
N VAL A 442 3.80 -12.27 -26.97
CA VAL A 442 2.35 -12.37 -26.82
C VAL A 442 1.84 -11.06 -26.23
N VAL A 443 1.01 -10.36 -27.00
CA VAL A 443 0.43 -9.09 -26.59
C VAL A 443 -1.00 -9.32 -26.14
N ILE A 444 -1.32 -8.88 -24.92
CA ILE A 444 -2.64 -9.03 -24.33
C ILE A 444 -3.25 -7.65 -24.18
N ALA A 445 -4.46 -7.47 -24.70
CA ALA A 445 -5.18 -6.20 -24.62
C ALA A 445 -6.50 -6.39 -23.91
N VAL A 446 -7.12 -5.28 -23.54
CA VAL A 446 -8.41 -5.26 -22.85
C VAL A 446 -9.37 -4.38 -23.63
N ASN A 447 -10.55 -4.90 -23.91
CA ASN A 447 -11.58 -4.18 -24.65
C ASN A 447 -12.84 -4.09 -23.80
N HIS A 448 -13.78 -3.27 -24.27
CA HIS A 448 -15.06 -3.05 -23.60
C HIS A 448 -16.18 -3.57 -24.48
N ASN A 449 -17.09 -4.35 -23.90
CA ASN A 449 -18.21 -4.91 -24.63
C ASN A 449 -19.47 -4.77 -23.78
N VAL A 450 -20.62 -4.89 -24.46
CA VAL A 450 -21.93 -4.79 -23.81
C VAL A 450 -22.71 -6.05 -24.16
N ILE A 451 -23.07 -6.82 -23.14
CA ILE A 451 -23.81 -8.06 -23.32
C ILE A 451 -25.30 -7.74 -23.27
N ARG A 452 -26.01 -8.05 -24.36
CA ARG A 452 -27.44 -7.80 -24.46
C ARG A 452 -28.18 -9.00 -23.89
N ILE A 453 -28.89 -8.78 -22.78
CA ILE A 453 -29.65 -9.83 -22.12
C ILE A 453 -31.11 -9.65 -22.50
N MET A 454 -31.66 -10.65 -23.20
CA MET A 454 -33.05 -10.61 -23.63
C MET A 454 -33.57 -12.03 -23.75
N ASN A 455 -34.77 -12.27 -23.24
CA ASN A 455 -35.39 -13.59 -23.29
C ASN A 455 -35.93 -13.83 -24.69
N GLY A 456 -35.22 -14.64 -25.47
CA GLY A 456 -35.62 -14.96 -26.82
C GLY A 456 -34.84 -14.24 -27.90
N SER A 457 -33.98 -13.29 -27.54
CA SER A 457 -33.19 -12.55 -28.50
C SER A 457 -31.75 -12.45 -28.00
N MET A 458 -30.79 -12.68 -28.90
CA MET A 458 -29.38 -12.62 -28.58
C MET A 458 -28.67 -11.88 -29.71
N GLY A 459 -28.39 -10.59 -29.50
CA GLY A 459 -27.73 -9.76 -30.48
C GLY A 459 -26.48 -9.10 -29.92
N PHE A 460 -25.79 -8.38 -30.80
CA PHE A 460 -24.56 -7.67 -30.44
C PHE A 460 -24.76 -6.18 -30.64
N PRO A 461 -24.82 -5.38 -29.58
CA PRO A 461 -25.01 -3.93 -29.76
C PRO A 461 -23.71 -3.22 -30.12
N ILE A 462 -23.57 -1.97 -29.67
CA ILE A 462 -22.38 -1.17 -29.95
C ILE A 462 -21.32 -1.44 -28.89
N LEU A 463 -20.14 -0.87 -29.08
CA LEU A 463 -19.04 -1.06 -28.15
C LEU A 463 -19.23 -0.23 -26.88
N TYR B 41 -28.44 1.48 -23.38
CA TYR B 41 -27.77 1.72 -24.65
C TYR B 41 -26.82 2.90 -24.56
N PRO B 42 -25.55 2.63 -24.28
CA PRO B 42 -24.56 3.72 -24.18
C PRO B 42 -24.31 4.36 -25.54
N VAL B 43 -23.67 5.53 -25.49
CA VAL B 43 -23.33 6.30 -26.68
C VAL B 43 -21.81 6.40 -26.75
N GLY B 44 -21.22 5.80 -27.77
CA GLY B 44 -19.78 5.82 -27.94
C GLY B 44 -19.40 6.40 -29.28
N TRP B 45 -18.23 7.05 -29.32
CA TRP B 45 -17.72 7.66 -30.53
C TRP B 45 -16.22 7.45 -30.60
N PHE B 46 -15.65 7.77 -31.76
CA PHE B 46 -14.21 7.62 -31.98
C PHE B 46 -13.48 8.71 -31.21
N THR B 47 -12.87 8.33 -30.08
CA THR B 47 -12.13 9.26 -29.24
C THR B 47 -10.63 8.96 -29.34
N LYS B 48 -9.82 9.99 -29.07
CA LYS B 48 -8.37 9.86 -29.12
C LYS B 48 -7.78 10.58 -27.92
N LEU B 49 -6.50 10.30 -27.66
CA LEU B 49 -5.78 10.94 -26.57
C LEU B 49 -4.28 10.89 -26.86
N PRO B 50 -3.76 11.83 -27.63
CA PRO B 50 -2.33 11.83 -27.95
C PRO B 50 -1.52 12.46 -26.83
N THR B 51 -0.19 12.42 -26.99
CA THR B 51 0.74 12.99 -26.02
C THR B 51 1.86 13.70 -26.80
N MET B 52 1.53 14.86 -27.35
CA MET B 52 2.49 15.63 -28.13
C MET B 52 3.44 16.39 -27.20
N ALA B 53 4.71 16.42 -27.58
CA ALA B 53 5.72 17.11 -26.78
C ALA B 53 5.54 18.62 -26.92
N THR B 54 5.39 19.31 -25.79
CA THR B 54 5.21 20.75 -25.81
C THR B 54 6.53 21.46 -26.13
N ARG B 55 6.43 22.74 -26.44
CA ARG B 55 7.60 23.54 -26.77
C ARG B 55 8.35 23.95 -25.51
N VAL B 56 9.63 24.26 -25.67
CA VAL B 56 10.48 24.68 -24.58
C VAL B 56 11.07 26.04 -24.90
N SER B 57 11.49 26.74 -23.85
CA SER B 57 12.08 28.06 -23.98
C SER B 57 13.23 28.20 -23.00
N GLY B 58 14.41 28.54 -23.51
CA GLY B 58 15.58 28.70 -22.68
C GLY B 58 16.45 27.44 -22.65
N ASN B 59 17.73 27.66 -22.39
CA ASN B 59 18.69 26.56 -22.31
C ASN B 59 18.73 26.01 -20.90
N PRO B 60 18.34 24.75 -20.68
CA PRO B 60 18.36 24.18 -19.32
C PRO B 60 19.80 23.99 -18.85
N ALA B 61 20.14 24.61 -17.72
CA ALA B 61 21.48 24.51 -17.16
C ALA B 61 21.42 24.38 -15.65
N PHE B 62 22.36 25.00 -14.95
CA PHE B 62 22.44 24.96 -13.50
C PHE B 62 22.16 26.36 -12.96
N GLY B 63 21.00 26.53 -12.32
CA GLY B 63 20.63 27.82 -11.76
C GLY B 63 20.17 28.81 -12.81
N GLN B 64 19.00 28.57 -13.38
CA GLN B 64 18.45 29.46 -14.40
C GLN B 64 16.93 29.30 -14.43
N GLU B 65 16.26 30.27 -15.06
CA GLU B 65 14.82 30.26 -15.17
C GLU B 65 14.42 29.54 -16.46
N PHE B 66 13.59 28.51 -16.33
CA PHE B 66 13.13 27.72 -17.46
C PHE B 66 11.62 27.82 -17.56
N SER B 67 11.13 28.43 -18.63
CA SER B 67 9.71 28.59 -18.87
C SER B 67 9.20 27.51 -19.81
N VAL B 68 7.97 27.04 -19.57
CA VAL B 68 7.34 26.01 -20.36
C VAL B 68 6.04 26.55 -20.92
N GLY B 69 5.90 26.52 -22.25
CA GLY B 69 4.69 26.98 -22.89
C GLY B 69 3.76 25.85 -23.28
N VAL B 70 2.79 25.55 -22.43
CA VAL B 70 1.83 24.47 -22.68
C VAL B 70 0.89 24.89 -23.79
N PRO B 71 0.46 23.98 -24.67
CA PRO B 71 -0.46 24.35 -25.74
C PRO B 71 -1.83 24.69 -25.20
N ARG B 72 -2.61 25.39 -26.03
CA ARG B 72 -3.96 25.80 -25.66
C ARG B 72 -4.99 25.57 -26.75
N SER B 73 -4.60 25.02 -27.90
CA SER B 73 -5.55 24.78 -28.99
C SER B 73 -6.34 23.50 -28.80
N GLY B 74 -6.05 22.71 -27.77
CA GLY B 74 -6.76 21.47 -27.53
C GLY B 74 -8.05 21.68 -26.78
N ASP B 75 -8.67 20.56 -26.39
CA ASP B 75 -9.92 20.62 -25.66
C ASP B 75 -9.69 20.79 -24.16
N TYR B 76 -8.87 19.92 -23.57
CA TYR B 76 -8.57 19.99 -22.15
C TYR B 76 -7.19 19.40 -21.91
N VAL B 77 -6.50 19.95 -20.92
CA VAL B 77 -5.16 19.50 -20.55
C VAL B 77 -5.27 18.59 -19.34
N LEU B 78 -4.27 17.72 -19.19
CA LEU B 78 -4.25 16.78 -18.06
C LEU B 78 -2.98 16.96 -17.23
N ASN B 79 -2.37 15.86 -16.83
CA ASN B 79 -1.17 15.92 -16.02
C ASN B 79 0.07 16.12 -16.88
N ALA B 80 1.08 16.75 -16.30
CA ALA B 80 2.34 17.01 -16.96
C ALA B 80 3.46 16.21 -16.30
N TRP B 81 4.57 16.07 -17.03
CA TRP B 81 5.72 15.33 -16.54
C TRP B 81 7.00 16.09 -16.88
N LEU B 82 8.02 15.90 -16.06
CA LEU B 82 9.32 16.54 -16.23
C LEU B 82 10.40 15.47 -16.32
N THR B 83 11.42 15.75 -17.13
CA THR B 83 12.53 14.82 -17.34
C THR B 83 13.84 15.57 -17.16
N LEU B 84 14.61 15.16 -16.15
CA LEU B 84 15.91 15.77 -15.87
C LEU B 84 16.91 14.66 -15.57
N LYS B 85 17.99 14.62 -16.34
CA LYS B 85 19.03 13.62 -16.18
C LYS B 85 20.24 14.26 -15.49
N THR B 86 20.63 13.70 -14.35
CA THR B 86 21.75 14.20 -13.55
C THR B 86 22.70 13.04 -13.25
N PRO B 87 23.61 12.75 -14.18
CA PRO B 87 24.56 11.65 -13.94
C PRO B 87 25.69 12.06 -13.02
N GLU B 88 26.16 11.10 -12.24
CA GLU B 88 27.26 11.32 -11.31
C GLU B 88 28.60 11.16 -12.04
N ILE B 89 29.68 11.49 -11.33
CA ILE B 89 31.02 11.42 -11.90
C ILE B 89 32.00 10.86 -10.88
N LYS B 90 31.51 9.97 -10.01
CA LYS B 90 32.34 9.34 -9.00
C LYS B 90 33.05 8.12 -9.58
N LEU B 91 33.71 7.35 -8.73
CA LEU B 91 34.43 6.16 -9.18
C LEU B 91 34.35 5.04 -8.16
N LEU B 92 34.94 5.24 -6.99
CA LEU B 92 34.95 4.21 -5.96
C LEU B 92 33.57 4.10 -5.31
N GLU B 93 33.41 3.07 -4.48
CA GLU B 93 32.16 2.83 -3.79
C GLU B 93 32.07 3.63 -2.49
N THR B 94 31.55 3.01 -1.43
CA THR B 94 31.41 3.65 -0.14
C THR B 94 32.64 3.49 0.75
N ASN B 95 33.77 3.12 0.16
CA ASN B 95 34.99 2.94 0.95
C ASN B 95 35.58 4.29 1.35
N ARG B 96 36.28 4.29 2.48
CA ARG B 96 36.91 5.51 2.99
C ARG B 96 38.23 5.75 2.28
N LEU B 97 38.43 6.98 1.81
CA LEU B 97 39.65 7.36 1.11
C LEU B 97 40.24 8.64 1.69
N GLY B 98 40.13 8.81 3.00
CA GLY B 98 40.67 10.01 3.64
C GLY B 98 39.75 11.20 3.42
N ALA B 99 40.31 12.28 2.89
CA ALA B 99 39.55 13.49 2.61
C ALA B 99 38.88 13.49 1.25
N ASN B 100 39.05 12.42 0.48
CA ASN B 100 38.42 12.35 -0.84
C ASN B 100 36.94 12.03 -0.73
N GLY B 101 36.16 12.57 -1.65
CA GLY B 101 34.72 12.35 -1.67
C GLY B 101 34.35 11.24 -2.64
N THR B 102 33.61 10.26 -2.12
CA THR B 102 33.17 9.12 -2.93
C THR B 102 31.65 9.05 -2.95
N VAL B 103 31.11 7.83 -2.92
CA VAL B 103 29.67 7.62 -2.93
C VAL B 103 29.26 7.28 -1.51
N ARG B 104 29.00 8.33 -0.72
CA ARG B 104 28.59 8.16 0.66
C ARG B 104 27.76 9.36 1.13
N TRP B 105 27.88 10.49 0.42
CA TRP B 105 27.14 11.71 0.73
C TRP B 105 26.38 12.13 -0.52
N THR B 106 25.38 11.32 -0.90
CA THR B 106 24.58 11.57 -2.08
C THR B 106 23.12 11.76 -1.69
N LYS B 107 22.46 12.70 -2.36
CA LYS B 107 21.06 13.01 -2.11
C LYS B 107 20.34 13.05 -3.46
N ASN B 108 19.02 13.21 -3.39
CA ASN B 108 18.22 13.29 -4.61
C ASN B 108 18.52 14.58 -5.36
N LEU B 109 18.64 14.47 -6.69
CA LEU B 109 19.02 15.64 -7.49
C LEU B 109 17.80 16.34 -8.07
N MET B 110 16.88 15.58 -8.66
CA MET B 110 15.70 16.19 -9.28
C MET B 110 14.78 16.82 -8.23
N HIS B 111 14.74 16.25 -7.03
CA HIS B 111 13.91 16.82 -5.98
C HIS B 111 14.49 18.13 -5.45
N ASN B 112 15.81 18.29 -5.53
CA ASN B 112 16.46 19.52 -5.10
C ASN B 112 16.62 20.54 -6.22
N ALA B 113 16.46 20.12 -7.47
CA ALA B 113 16.60 21.05 -8.58
C ALA B 113 15.45 22.05 -8.63
N VAL B 114 14.24 21.59 -8.33
CA VAL B 114 13.08 22.48 -8.35
C VAL B 114 13.12 23.40 -7.14
N GLU B 115 12.66 24.64 -7.32
CA GLU B 115 12.66 25.62 -6.26
C GLU B 115 11.32 26.34 -6.19
N HIS B 116 10.74 26.65 -7.35
CA HIS B 116 9.46 27.35 -7.41
C HIS B 116 8.77 26.98 -8.71
N ALA B 117 7.51 26.56 -8.61
CA ALA B 117 6.71 26.17 -9.77
C ALA B 117 5.33 26.82 -9.63
N SER B 118 5.16 27.99 -10.23
CA SER B 118 3.91 28.72 -10.18
C SER B 118 3.11 28.48 -11.45
N LEU B 119 1.82 28.22 -11.30
CA LEU B 119 0.91 27.97 -12.42
C LEU B 119 0.14 29.26 -12.69
N THR B 120 0.62 30.05 -13.65
CA THR B 120 -0.02 31.31 -13.98
C THR B 120 -1.22 31.07 -14.89
N PHE B 121 -2.36 31.67 -14.54
CA PHE B 121 -3.58 31.55 -15.32
C PHE B 121 -4.19 32.93 -15.47
N ASN B 122 -4.37 33.37 -16.73
CA ASN B 122 -4.92 34.69 -17.05
C ASN B 122 -4.10 35.80 -16.39
N ASP B 123 -2.77 35.66 -16.46
CA ASP B 123 -1.83 36.62 -15.88
C ASP B 123 -2.05 36.81 -14.38
N ILE B 124 -2.57 35.77 -13.72
CA ILE B 124 -2.82 35.80 -12.28
C ILE B 124 -2.20 34.55 -11.67
N CYS B 125 -1.36 34.75 -10.65
CA CYS B 125 -0.70 33.65 -9.96
C CYS B 125 -1.74 32.88 -9.15
N ALA B 126 -2.26 31.80 -9.72
CA ALA B 126 -3.27 31.00 -9.03
C ALA B 126 -2.66 30.21 -7.88
N GLN B 127 -1.64 29.40 -8.18
CA GLN B 127 -0.97 28.60 -7.17
C GLN B 127 0.52 28.57 -7.46
N GLN B 128 1.32 28.35 -6.42
CA GLN B 128 2.76 28.28 -6.53
C GLN B 128 3.28 27.10 -5.71
N PHE B 129 4.34 26.48 -6.20
CA PHE B 129 4.96 25.34 -5.54
C PHE B 129 6.34 25.72 -5.02
N ASN B 130 6.89 24.84 -4.19
CA ASN B 130 8.21 25.04 -3.60
C ASN B 130 8.87 23.68 -3.42
N THR B 131 10.08 23.70 -2.84
CA THR B 131 10.80 22.45 -2.59
C THR B 131 10.17 21.66 -1.45
N ALA B 132 9.49 22.33 -0.53
CA ALA B 132 8.87 21.63 0.59
C ALA B 132 7.53 21.01 0.21
N TYR B 133 6.81 21.61 -0.75
CA TYR B 133 5.53 21.07 -1.17
C TYR B 133 5.69 19.81 -2.01
N LEU B 134 6.80 19.68 -2.73
CA LEU B 134 7.01 18.48 -3.55
C LEU B 134 7.19 17.25 -2.68
N ASP B 135 7.70 17.40 -1.46
CA ASP B 135 7.86 16.29 -0.53
C ASP B 135 6.68 16.13 0.41
N ALA B 136 5.89 17.18 0.61
CA ALA B 136 4.73 17.10 1.49
C ALA B 136 3.56 16.37 0.83
N TRP B 137 3.43 16.47 -0.49
CA TRP B 137 2.33 15.79 -1.18
C TRP B 137 2.56 14.28 -1.23
N THR B 138 3.82 13.85 -1.17
CA THR B 138 4.11 12.41 -1.18
C THR B 138 3.71 11.78 0.14
N GLN B 139 3.87 12.49 1.25
CA GLN B 139 3.54 11.99 2.58
C GLN B 139 2.09 12.28 2.96
N PHE B 140 1.23 12.57 1.98
CA PHE B 140 -0.17 12.88 2.27
C PHE B 140 -1.09 12.19 1.27
N ASN B 141 -1.06 12.63 0.02
CA ASN B 141 -1.93 12.04 -0.99
C ASN B 141 -1.43 10.67 -1.45
N MET B 142 -0.13 10.54 -1.69
CA MET B 142 0.45 9.27 -2.13
C MET B 142 0.46 8.30 -0.95
N CYS B 143 -0.48 7.35 -0.95
CA CYS B 143 -0.58 6.39 0.13
C CYS B 143 -0.50 4.96 -0.39
N GLU B 144 -0.98 4.75 -1.62
CA GLU B 144 -0.96 3.43 -2.23
C GLU B 144 0.42 3.11 -2.80
N GLY B 145 0.47 2.65 -4.04
CA GLY B 145 1.71 2.35 -4.72
C GLY B 145 2.43 3.53 -5.31
N LYS B 146 1.94 4.76 -5.07
CA LYS B 146 2.57 5.94 -5.62
C LYS B 146 3.81 6.35 -4.82
N ARG B 147 3.80 6.11 -3.51
CA ARG B 147 4.95 6.50 -2.70
C ARG B 147 6.12 5.54 -2.88
N ILE B 148 5.85 4.24 -3.09
CA ILE B 148 6.92 3.28 -3.28
C ILE B 148 7.66 3.55 -4.59
N GLY B 149 6.91 3.82 -5.66
CA GLY B 149 7.53 4.13 -6.93
C GLY B 149 8.14 5.52 -6.99
N TYR B 150 7.79 6.41 -6.06
CA TYR B 150 8.35 7.75 -6.07
C TYR B 150 9.80 7.75 -5.61
N ASP B 151 10.19 6.80 -4.75
CA ASP B 151 11.56 6.74 -4.27
C ASP B 151 12.53 6.23 -5.33
N ASN B 152 12.04 5.51 -6.34
CA ASN B 152 12.90 4.98 -7.39
C ASN B 152 13.01 5.92 -8.59
N MET B 153 11.99 6.74 -8.83
CA MET B 153 12.01 7.67 -9.96
C MET B 153 12.48 9.06 -9.57
N ILE B 154 12.98 9.25 -8.35
CA ILE B 154 13.49 10.55 -7.91
C ILE B 154 14.91 10.38 -7.37
N GLY B 155 15.04 9.64 -6.28
CA GLY B 155 16.34 9.42 -5.67
C GLY B 155 17.20 8.44 -6.42
N ASN B 156 18.44 8.83 -6.72
CA ASN B 156 19.39 7.97 -7.42
C ASN B 156 19.87 6.88 -6.46
N THR B 157 19.28 5.70 -6.57
CA THR B 157 19.60 4.56 -5.70
C THR B 157 20.04 3.40 -6.58
N SER B 158 21.34 3.10 -6.55
CA SER B 158 21.89 1.98 -7.31
C SER B 158 22.68 1.06 -6.39
N ASP B 159 23.88 1.50 -6.00
CA ASP B 159 24.69 0.73 -5.06
C ASP B 159 24.08 0.84 -3.67
N MET B 160 23.71 -0.32 -3.10
CA MET B 160 23.02 -0.40 -1.81
C MET B 160 21.75 0.45 -1.83
N THR B 161 20.84 0.08 -2.72
CA THR B 161 19.61 0.82 -2.91
C THR B 161 18.68 0.65 -1.72
N ASN B 162 17.74 1.58 -1.59
CA ASN B 162 16.76 1.57 -0.52
C ASN B 162 15.52 2.36 -0.93
N PRO B 163 14.36 1.71 -1.06
CA PRO B 163 13.15 2.43 -1.47
C PRO B 163 12.64 3.37 -0.38
N THR B 164 13.38 4.44 -0.13
CA THR B 164 13.03 5.44 0.88
C THR B 164 13.40 6.82 0.36
N PRO B 165 12.63 7.84 0.72
CA PRO B 165 12.97 9.21 0.27
C PRO B 165 14.30 9.71 0.80
N ALA B 166 14.78 9.17 1.92
CA ALA B 166 16.06 9.59 2.49
C ALA B 166 16.71 8.37 3.13
N GLN B 167 17.75 8.61 3.94
CA GLN B 167 18.47 7.56 4.65
C GLN B 167 19.01 6.51 3.69
N GLY B 168 20.11 6.83 3.01
CA GLY B 168 20.72 5.90 2.08
C GLY B 168 20.29 6.11 0.65
N GLN B 169 20.90 7.09 -0.03
CA GLN B 169 20.60 7.41 -1.41
C GLN B 169 21.88 7.39 -2.24
N ASP B 170 22.67 6.33 -2.10
CA ASP B 170 23.92 6.22 -2.82
C ASP B 170 23.66 5.98 -4.31
N GLY B 171 24.50 6.59 -5.15
CA GLY B 171 24.37 6.47 -6.59
C GLY B 171 24.93 5.18 -7.13
N ALA B 172 25.48 5.26 -8.34
CA ALA B 172 26.04 4.11 -9.03
C ALA B 172 27.57 4.21 -8.95
N ARG B 173 28.31 4.04 -10.06
CA ARG B 173 29.76 4.09 -10.03
C ARG B 173 30.28 5.28 -10.84
N THR B 174 30.60 5.04 -12.11
CA THR B 174 31.14 6.07 -13.00
C THR B 174 30.20 6.25 -14.18
N LEU B 175 29.68 7.47 -14.34
CA LEU B 175 28.79 7.84 -15.43
C LEU B 175 27.57 6.93 -15.49
N PRO B 176 26.60 7.12 -14.59
CA PRO B 176 25.37 6.31 -14.63
C PRO B 176 24.39 6.86 -15.66
N SER B 177 24.13 6.07 -16.70
CA SER B 177 23.21 6.47 -17.76
C SER B 177 21.79 6.13 -17.33
N LYS B 178 21.05 7.14 -16.88
CA LYS B 178 19.67 6.94 -16.43
C LYS B 178 18.92 8.26 -16.57
N ASN B 179 17.60 8.19 -16.40
CA ASN B 179 16.74 9.36 -16.50
C ASN B 179 15.81 9.40 -15.30
N LEU B 180 15.47 10.62 -14.88
CA LEU B 180 14.59 10.85 -13.73
C LEU B 180 13.32 11.56 -14.18
N VAL B 181 12.21 11.16 -13.59
CA VAL B 181 10.89 11.70 -13.94
C VAL B 181 10.23 12.23 -12.67
N LEU B 182 9.71 13.45 -12.75
CA LEU B 182 8.99 14.07 -11.63
C LEU B 182 7.76 14.79 -12.18
N PRO B 183 6.56 14.30 -11.92
CA PRO B 183 5.35 14.96 -12.42
C PRO B 183 5.01 16.19 -11.59
N LEU B 184 4.03 16.95 -12.10
CA LEU B 184 3.56 18.16 -11.42
C LEU B 184 2.10 17.97 -11.04
N PRO B 185 1.79 17.77 -9.76
CA PRO B 185 0.38 17.59 -9.37
C PRO B 185 -0.38 18.91 -9.43
N PHE B 186 -1.56 18.87 -10.01
CA PHE B 186 -2.42 20.04 -10.15
C PHE B 186 -3.81 19.71 -9.61
N PHE B 187 -4.71 20.70 -9.70
CA PHE B 187 -6.08 20.52 -9.23
C PHE B 187 -6.99 19.87 -10.27
N PHE B 188 -6.48 19.62 -11.49
CA PHE B 188 -7.27 18.99 -12.53
C PHE B 188 -6.62 17.72 -13.07
N SER B 189 -5.58 17.22 -12.39
CA SER B 189 -4.87 16.02 -12.81
C SER B 189 -5.20 14.81 -11.93
N ARG B 190 -6.41 14.78 -11.37
CA ARG B 190 -6.85 13.68 -10.52
C ARG B 190 -8.05 12.92 -11.06
N ASP B 191 -8.88 13.54 -11.89
CA ASP B 191 -10.05 12.88 -12.44
C ASP B 191 -10.40 13.53 -13.77
N CYS B 192 -11.08 12.75 -14.62
CA CYS B 192 -11.47 13.27 -15.93
C CYS B 192 -12.63 14.25 -15.83
N GLY B 193 -13.50 14.07 -14.83
CA GLY B 193 -14.63 14.97 -14.65
C GLY B 193 -14.28 16.32 -14.10
N LEU B 194 -13.14 16.44 -13.41
CA LEU B 194 -12.70 17.69 -12.82
C LEU B 194 -11.57 18.34 -13.62
N ALA B 195 -11.39 17.95 -14.88
CA ALA B 195 -10.35 18.52 -15.70
C ALA B 195 -10.73 19.92 -16.16
N LEU B 196 -9.71 20.77 -16.34
CA LEU B 196 -9.91 22.14 -16.77
C LEU B 196 -9.94 22.19 -18.29
N PRO B 197 -11.06 22.52 -18.92
CA PRO B 197 -11.10 22.57 -20.39
C PRO B 197 -10.42 23.82 -20.92
N THR B 198 -9.72 23.65 -22.05
CA THR B 198 -9.02 24.74 -22.69
C THR B 198 -9.72 25.25 -23.95
N VAL B 199 -10.72 24.51 -24.44
CA VAL B 199 -11.45 24.96 -25.64
C VAL B 199 -12.53 25.97 -25.33
N VAL B 200 -13.03 26.01 -24.08
CA VAL B 200 -14.06 26.97 -23.72
C VAL B 200 -13.50 28.38 -23.58
N LEU B 201 -12.20 28.52 -23.30
CA LEU B 201 -11.56 29.83 -23.15
C LEU B 201 -10.16 29.76 -23.77
N PRO B 202 -10.06 29.91 -25.08
CA PRO B 202 -8.75 29.86 -25.75
C PRO B 202 -7.98 31.16 -25.72
N TYR B 203 -8.44 32.16 -24.98
CA TYR B 203 -7.76 33.45 -24.91
C TYR B 203 -6.88 33.62 -23.68
N ASN B 204 -7.01 32.73 -22.69
CA ASN B 204 -6.20 32.82 -21.48
C ASN B 204 -4.77 32.36 -21.78
N GLU B 205 -3.81 33.10 -21.23
CA GLU B 205 -2.38 32.80 -21.42
C GLU B 205 -1.89 32.04 -20.20
N ILE B 206 -1.82 30.72 -20.31
CA ILE B 206 -1.33 29.86 -19.23
C ILE B 206 0.12 29.51 -19.49
N ARG B 207 0.92 29.52 -18.42
CA ARG B 207 2.35 29.24 -18.53
C ARG B 207 2.88 28.88 -17.16
N ILE B 208 3.70 27.83 -17.09
CA ILE B 208 4.31 27.38 -15.85
C ILE B 208 5.80 27.67 -15.90
N ASN B 209 6.37 28.00 -14.75
CA ASN B 209 7.78 28.33 -14.64
C ASN B 209 8.49 27.28 -13.78
N ILE B 210 9.68 26.89 -14.22
CA ILE B 210 10.50 25.89 -13.53
C ILE B 210 11.84 26.55 -13.23
N LYS B 211 12.10 26.83 -11.95
CA LYS B 211 13.35 27.44 -11.51
C LYS B 211 14.31 26.33 -11.10
N LEU B 212 15.42 26.21 -11.83
CA LEU B 212 16.41 25.19 -11.53
C LEU B 212 17.38 25.69 -10.46
N ARG B 213 18.14 24.75 -9.90
CA ARG B 213 19.13 25.04 -8.87
C ARG B 213 20.53 24.77 -9.39
N SER B 214 21.46 25.67 -9.10
CA SER B 214 22.83 25.51 -9.54
C SER B 214 23.61 24.55 -8.66
N LEU B 215 23.29 24.51 -7.37
CA LEU B 215 23.99 23.61 -6.44
C LEU B 215 23.48 22.19 -6.61
N GLN B 216 24.36 21.29 -7.03
CA GLN B 216 24.03 19.88 -7.25
C GLN B 216 24.84 19.01 -6.31
N GLU B 217 24.20 17.98 -5.76
CA GLU B 217 24.86 17.07 -4.86
C GLU B 217 25.78 16.11 -5.62
N LEU B 218 26.84 15.68 -4.95
CA LEU B 218 27.84 14.77 -5.53
C LEU B 218 28.44 15.34 -6.82
N LEU B 219 28.76 16.64 -6.79
CA LEU B 219 29.35 17.30 -7.94
C LEU B 219 30.19 18.49 -7.51
N VAL B 220 29.66 19.31 -6.60
CA VAL B 220 30.38 20.48 -6.11
C VAL B 220 30.29 20.52 -4.59
N PHE B 221 29.80 19.44 -3.99
CA PHE B 221 29.66 19.34 -2.55
C PHE B 221 29.97 17.92 -2.10
N GLN B 222 30.38 17.80 -0.84
CA GLN B 222 30.72 16.50 -0.27
C GLN B 222 30.52 16.52 1.24
N ASN B 223 30.64 17.68 1.85
CA ASN B 223 30.48 17.86 3.29
C ASN B 223 29.24 18.68 3.57
N LYS B 224 29.12 19.16 4.81
CA LYS B 224 27.96 19.96 5.19
C LYS B 224 28.10 21.41 4.71
N ASP B 225 29.29 21.98 4.82
CA ASP B 225 29.54 23.35 4.39
C ASP B 225 30.33 23.30 3.11
N THR B 226 31.63 23.55 3.13
CA THR B 226 32.47 23.52 1.93
C THR B 226 33.48 22.39 2.05
N GLY B 227 33.63 21.60 0.99
CA GLY B 227 34.56 20.50 0.99
C GLY B 227 35.85 20.80 0.24
N ASN B 228 36.79 21.44 0.92
CA ASN B 228 38.10 21.80 0.38
C ASN B 228 38.00 22.70 -0.85
N VAL B 229 36.86 23.37 -1.01
CA VAL B 229 36.61 24.30 -2.12
C VAL B 229 36.85 23.59 -3.46
N ILE B 230 35.82 22.88 -3.93
CA ILE B 230 35.89 22.19 -5.22
C ILE B 230 34.85 22.79 -6.15
N PRO B 231 35.21 23.80 -6.95
CA PRO B 231 34.23 24.40 -7.86
C PRO B 231 34.09 23.63 -9.17
N ILE B 232 35.21 23.13 -9.69
CA ILE B 232 35.21 22.40 -10.96
C ILE B 232 36.43 21.49 -11.01
N SER B 233 37.28 21.59 -10.00
CA SER B 233 38.48 20.77 -9.94
C SER B 233 38.12 19.29 -9.77
N ALA B 234 39.03 18.43 -10.23
CA ALA B 234 38.85 16.98 -10.18
C ALA B 234 39.92 16.41 -9.25
N THR B 235 39.65 16.43 -7.95
CA THR B 235 40.55 15.87 -6.95
C THR B 235 40.38 14.36 -6.94
N ASP B 236 41.28 13.66 -7.65
CA ASP B 236 41.23 12.20 -7.77
C ASP B 236 39.89 11.74 -8.34
N ILE B 237 39.36 12.49 -9.31
CA ILE B 237 38.09 12.22 -9.96
C ILE B 237 36.98 12.18 -8.91
N ALA B 238 36.46 13.36 -8.56
CA ALA B 238 35.40 13.47 -7.56
C ALA B 238 34.59 14.74 -7.77
N GLY B 239 34.95 15.53 -8.78
CA GLY B 239 34.24 16.76 -9.07
C GLY B 239 34.48 17.26 -10.47
N GLY B 240 35.09 16.43 -11.32
CA GLY B 240 35.38 16.80 -12.68
C GLY B 240 34.39 16.19 -13.67
N LEU B 241 34.55 16.60 -14.92
CA LEU B 241 33.69 16.15 -16.03
C LEU B 241 32.22 16.42 -15.74
N ALA B 242 31.94 17.62 -15.21
CA ALA B 242 30.58 18.00 -14.89
C ALA B 242 29.81 18.32 -16.16
N ASP B 243 28.61 17.76 -16.29
CA ASP B 243 27.76 17.97 -17.45
C ASP B 243 26.48 18.69 -17.04
N THR B 244 25.85 19.35 -18.01
CA THR B 244 24.62 20.07 -17.75
C THR B 244 23.43 19.11 -17.71
N VAL B 245 22.27 19.66 -17.38
CA VAL B 245 21.05 18.88 -17.29
C VAL B 245 20.16 19.21 -18.48
N GLU B 246 19.44 18.22 -18.97
CA GLU B 246 18.53 18.37 -20.11
C GLU B 246 17.10 18.30 -19.61
N ALA B 247 16.25 19.20 -20.11
CA ALA B 247 14.86 19.29 -19.71
C ALA B 247 13.98 18.88 -20.89
N TYR B 248 13.23 17.79 -20.73
CA TYR B 248 12.32 17.28 -21.75
C TYR B 248 10.90 17.36 -21.19
N VAL B 249 10.18 18.40 -21.56
CA VAL B 249 8.82 18.64 -21.07
C VAL B 249 7.82 18.26 -22.16
N TYR B 250 6.75 17.59 -21.76
CA TYR B 250 5.69 17.19 -22.68
C TYR B 250 4.36 17.22 -21.94
N MET B 251 3.32 17.66 -22.65
CA MET B 251 1.98 17.77 -22.07
C MET B 251 0.98 17.13 -23.03
N THR B 252 0.18 16.21 -22.51
CA THR B 252 -0.83 15.55 -23.34
C THR B 252 -1.96 16.51 -23.68
N VAL B 253 -2.61 16.25 -24.81
CA VAL B 253 -3.71 17.08 -25.31
C VAL B 253 -4.97 16.23 -25.36
N GLY B 254 -6.04 16.74 -24.75
CA GLY B 254 -7.31 16.02 -24.76
C GLY B 254 -8.05 16.20 -26.08
N LEU B 255 -8.75 15.15 -26.49
CA LEU B 255 -9.50 15.14 -27.73
C LEU B 255 -10.91 14.63 -27.46
N VAL B 256 -11.89 15.49 -27.62
CA VAL B 256 -13.30 15.15 -27.42
C VAL B 256 -14.01 15.17 -28.78
N SER B 257 -15.06 14.38 -28.89
CA SER B 257 -15.82 14.32 -30.13
C SER B 257 -16.52 15.66 -30.40
N ASN B 258 -16.89 15.85 -31.67
CA ASN B 258 -17.54 17.09 -32.08
C ASN B 258 -18.97 17.21 -31.56
N VAL B 259 -19.56 16.13 -31.06
CA VAL B 259 -20.92 16.20 -30.53
C VAL B 259 -20.93 16.96 -29.21
N GLU B 260 -19.97 16.69 -28.33
CA GLU B 260 -19.88 17.35 -27.04
C GLU B 260 -18.92 18.53 -27.04
N ARG B 261 -18.27 18.82 -28.18
CA ARG B 261 -17.34 19.94 -28.24
C ARG B 261 -18.07 21.27 -28.34
N CYS B 262 -19.17 21.32 -29.11
CA CYS B 262 -19.91 22.56 -29.25
C CYS B 262 -20.68 22.91 -27.97
N ALA B 263 -21.16 21.90 -27.25
CA ALA B 263 -21.90 22.14 -26.02
C ALA B 263 -21.00 22.55 -24.85
N MET B 264 -19.71 22.20 -24.92
CA MET B 264 -18.79 22.58 -23.84
C MET B 264 -18.34 24.03 -23.96
N ALA B 265 -18.09 24.49 -25.19
CA ALA B 265 -17.65 25.86 -25.41
C ALA B 265 -18.87 26.74 -25.75
N GLY B 266 -19.60 27.09 -24.70
CA GLY B 266 -20.78 27.91 -24.85
C GLY B 266 -21.69 27.88 -23.64
N THR B 267 -21.59 26.82 -22.84
CA THR B 267 -22.40 26.66 -21.65
C THR B 267 -21.59 27.04 -20.42
N VAL B 268 -22.25 27.73 -19.47
CA VAL B 268 -21.57 28.14 -18.25
C VAL B 268 -21.30 26.92 -17.38
N ARG B 269 -20.06 26.78 -16.92
CA ARG B 269 -19.65 25.65 -16.10
C ARG B 269 -19.03 26.18 -14.81
N ASP B 270 -19.60 25.77 -13.68
CA ASP B 270 -19.11 26.17 -12.36
C ASP B 270 -18.23 25.05 -11.82
N MET B 271 -16.92 25.24 -11.93
CA MET B 271 -15.94 24.26 -11.49
C MET B 271 -15.37 24.62 -10.13
N VAL B 272 -14.87 23.61 -9.43
CA VAL B 272 -14.24 23.77 -8.12
C VAL B 272 -12.79 23.33 -8.24
N VAL B 273 -11.88 24.15 -7.73
CA VAL B 273 -10.45 23.88 -7.80
C VAL B 273 -9.87 23.91 -6.39
N GLU B 274 -8.64 23.42 -6.28
CA GLU B 274 -7.91 23.39 -5.01
C GLU B 274 -6.52 23.98 -5.26
N GLN B 275 -6.37 25.27 -5.01
CA GLN B 275 -5.11 25.96 -5.24
C GLN B 275 -4.18 25.79 -4.04
N MET B 276 -2.95 26.29 -4.20
CA MET B 276 -1.94 26.24 -3.16
C MET B 276 -1.48 27.65 -2.82
N GLN B 277 -1.06 27.84 -1.58
CA GLN B 277 -0.58 29.13 -1.09
C GLN B 277 0.62 28.91 -0.18
N ALA B 278 1.71 29.61 -0.47
CA ALA B 278 2.93 29.51 0.30
C ALA B 278 3.31 30.87 0.88
N ALA B 279 4.11 30.85 1.94
CA ALA B 279 4.56 32.07 2.60
C ALA B 279 5.89 31.79 3.28
N PRO B 280 7.00 32.06 2.60
CA PRO B 280 8.32 31.80 3.21
C PRO B 280 8.62 32.81 4.31
N THR B 281 9.03 32.31 5.47
CA THR B 281 9.36 33.16 6.60
C THR B 281 10.82 32.98 7.01
N HIS B 282 11.10 33.13 8.31
CA HIS B 282 12.44 32.96 8.83
C HIS B 282 12.37 32.51 10.27
N ILE B 283 13.17 31.50 10.61
CA ILE B 283 13.21 30.95 11.95
C ILE B 283 14.43 31.54 12.67
N VAL B 284 14.37 31.54 14.00
CA VAL B 284 15.46 32.07 14.80
C VAL B 284 16.68 31.16 14.68
N ASN B 285 17.87 31.75 14.86
CA ASN B 285 19.09 30.98 14.76
C ASN B 285 19.23 30.04 15.96
N PRO B 286 19.74 28.83 15.75
CA PRO B 286 19.90 27.89 16.88
C PRO B 286 20.96 28.39 17.85
N GLN B 287 20.56 28.59 19.10
CA GLN B 287 21.47 29.05 20.13
C GLN B 287 21.06 28.51 21.50
N ASN B 288 21.14 29.36 22.53
CA ASN B 288 20.74 28.92 23.87
C ASN B 288 19.23 28.75 23.96
N THR B 289 18.47 29.69 23.40
CA THR B 289 17.02 29.64 23.41
C THR B 289 16.50 29.65 21.98
N ASN B 290 15.43 28.88 21.73
CA ASN B 290 14.83 28.77 20.41
C ASN B 290 13.31 28.88 20.57
N ASN B 291 12.77 30.04 20.18
CA ASN B 291 11.34 30.27 20.28
C ASN B 291 10.96 31.37 19.29
N VAL B 292 9.96 31.09 18.44
CA VAL B 292 9.50 32.03 17.44
C VAL B 292 7.99 32.20 17.59
N HIS B 293 7.48 33.26 16.98
CA HIS B 293 6.05 33.57 17.03
C HIS B 293 5.63 34.41 15.83
N VAL B 294 6.00 33.97 14.63
CA VAL B 294 5.67 34.69 13.42
C VAL B 294 4.23 34.40 13.04
N ASP B 295 3.47 35.45 12.75
CA ASP B 295 2.08 35.29 12.37
C ASP B 295 1.97 34.70 10.96
N MET B 296 0.82 34.10 10.67
CA MET B 296 0.55 33.48 9.38
C MET B 296 -0.80 33.98 8.87
N ARG B 297 -0.79 34.59 7.69
CA ARG B 297 -1.99 35.12 7.06
C ARG B 297 -2.14 34.54 5.66
N PHE B 298 -3.38 34.37 5.23
CA PHE B 298 -3.66 33.82 3.91
C PHE B 298 -4.83 34.54 3.25
N SER B 299 -5.72 33.79 2.61
CA SER B 299 -6.86 34.38 1.92
C SER B 299 -8.18 33.81 2.42
N HIS B 300 -8.75 32.89 1.65
CA HIS B 300 -10.04 32.29 2.01
C HIS B 300 -9.86 31.12 2.97
N ALA B 301 -10.73 30.13 2.87
CA ALA B 301 -10.67 28.97 3.75
C ALA B 301 -9.48 28.08 3.38
N VAL B 302 -8.77 27.61 4.41
CA VAL B 302 -7.61 26.74 4.24
C VAL B 302 -7.96 25.37 4.80
N LYS B 303 -7.65 24.32 4.03
CA LYS B 303 -7.93 22.96 4.47
C LYS B 303 -7.06 22.57 5.66
N ALA B 304 -5.75 22.65 5.50
CA ALA B 304 -4.83 22.30 6.57
C ALA B 304 -3.52 23.05 6.37
N LEU B 305 -2.72 23.12 7.43
CA LEU B 305 -1.43 23.78 7.42
C LEU B 305 -0.32 22.75 7.55
N PHE B 306 0.76 22.96 6.80
CA PHE B 306 1.88 22.03 6.82
C PHE B 306 3.14 22.78 6.38
N PHE B 307 4.26 22.42 7.00
CA PHE B 307 5.56 23.02 6.67
C PHE B 307 6.65 22.02 7.01
N MET B 308 7.88 22.37 6.67
CA MET B 308 9.03 21.50 6.92
C MET B 308 10.29 22.34 6.94
N VAL B 309 11.09 22.17 7.99
CA VAL B 309 12.36 22.88 8.11
C VAL B 309 13.41 22.12 7.30
N GLN B 310 14.03 22.80 6.34
CA GLN B 310 15.01 22.19 5.46
C GLN B 310 16.31 22.97 5.51
N ASN B 311 17.39 22.29 5.11
CA ASN B 311 18.72 22.90 5.10
C ASN B 311 18.92 23.67 3.80
N VAL B 312 20.15 24.12 3.56
CA VAL B 312 20.46 24.84 2.32
C VAL B 312 21.10 23.92 1.29
N THR B 313 21.84 22.90 1.73
CA THR B 313 22.46 21.94 0.83
C THR B 313 21.88 20.55 1.00
N TYR B 314 22.02 19.96 2.18
CA TYR B 314 21.45 18.65 2.47
C TYR B 314 20.12 18.82 3.20
N LYS B 315 19.12 19.26 2.43
CA LYS B 315 17.80 19.54 2.99
C LYS B 315 17.04 18.28 3.36
N SER B 316 17.46 17.12 2.86
CA SER B 316 16.80 15.85 3.15
C SER B 316 17.50 15.10 4.28
N VAL B 317 18.01 15.82 5.27
CA VAL B 317 18.70 15.24 6.42
C VAL B 317 17.99 15.71 7.67
N GLY B 318 17.56 14.76 8.50
CA GLY B 318 16.87 15.10 9.73
C GLY B 318 17.78 15.14 10.95
N SER B 319 18.36 14.00 11.30
CA SER B 319 19.24 13.94 12.45
C SER B 319 20.58 14.62 12.15
N ASN B 320 21.29 14.98 13.22
CA ASN B 320 22.58 15.63 13.08
C ASN B 320 23.64 14.63 12.66
N TYR B 321 24.64 15.13 11.94
CA TYR B 321 25.73 14.29 11.48
C TYR B 321 26.67 13.93 12.63
N THR B 322 27.36 12.80 12.47
CA THR B 322 28.29 12.32 13.47
C THR B 322 29.57 11.83 12.78
N CYS B 323 30.72 12.15 13.38
CA CYS B 323 32.02 11.76 12.84
C CYS B 323 32.44 10.36 13.25
N VAL B 324 31.48 9.47 13.53
CA VAL B 324 31.76 8.09 13.92
C VAL B 324 31.22 7.17 12.83
N THR B 325 32.04 6.20 12.43
CA THR B 325 31.62 5.27 11.39
C THR B 325 30.50 4.37 11.91
N PRO B 326 29.52 4.03 11.05
CA PRO B 326 29.40 4.47 9.65
C PRO B 326 28.36 5.57 9.46
N VAL B 327 28.75 6.82 9.70
CA VAL B 327 27.85 7.95 9.51
C VAL B 327 28.47 8.94 8.53
N ASN B 328 29.68 9.40 8.83
CA ASN B 328 30.39 10.36 7.99
C ASN B 328 31.83 9.86 7.79
N GLY B 329 32.08 9.26 6.63
CA GLY B 329 33.40 8.75 6.31
C GLY B 329 33.78 7.55 7.15
N PRO B 330 33.34 6.35 6.74
CA PRO B 330 32.49 6.12 5.57
C PRO B 330 31.02 6.37 5.86
N GLY B 331 30.28 6.85 4.86
CA GLY B 331 28.87 7.17 5.04
C GLY B 331 27.93 6.15 4.45
N ASN B 332 27.85 4.97 5.07
CA ASN B 332 26.90 3.96 4.61
C ASN B 332 25.46 4.36 4.89
N THR B 333 25.24 5.16 5.94
CA THR B 333 23.93 5.67 6.28
C THR B 333 24.01 7.18 6.44
N VAL B 334 23.03 7.89 5.87
CA VAL B 334 23.03 9.35 5.93
C VAL B 334 22.79 9.82 7.37
N MET B 335 21.68 9.38 7.97
CA MET B 335 21.36 9.77 9.34
C MET B 335 20.50 8.69 9.96
N GLU B 336 20.47 8.69 11.29
CA GLU B 336 19.69 7.72 12.04
C GLU B 336 18.21 8.14 12.07
N PRO B 337 17.30 7.18 12.16
CA PRO B 337 15.87 7.54 12.22
C PRO B 337 15.45 8.06 13.58
N ALA B 338 14.24 7.70 14.02
CA ALA B 338 13.66 8.12 15.29
C ALA B 338 13.46 9.63 15.35
N MET B 339 12.19 10.05 15.43
CA MET B 339 11.88 11.49 15.46
C MET B 339 12.38 12.17 16.72
N SER B 340 12.71 11.40 17.77
CA SER B 340 13.22 11.99 19.00
C SER B 340 14.62 12.57 18.83
N VAL B 341 15.38 12.08 17.85
CA VAL B 341 16.72 12.61 17.61
C VAL B 341 16.70 13.95 16.86
N ASP B 342 15.56 14.30 16.27
CA ASP B 342 15.47 15.56 15.54
C ASP B 342 15.58 16.73 16.51
N PRO B 343 16.30 17.79 16.13
CA PRO B 343 16.44 18.95 17.03
C PRO B 343 15.14 19.66 17.32
N ILE B 344 14.12 19.51 16.48
CA ILE B 344 12.84 20.16 16.70
C ILE B 344 12.15 19.49 17.89
N LYS B 345 11.84 20.28 18.91
CA LYS B 345 11.21 19.74 20.12
C LYS B 345 9.71 19.52 19.90
N SER B 346 8.94 20.61 19.87
CA SER B 346 7.50 20.53 19.70
C SER B 346 7.02 21.79 19.00
N ALA B 347 5.70 21.89 18.83
CA ALA B 347 5.09 23.04 18.18
C ALA B 347 3.68 23.22 18.72
N SER B 348 3.04 24.32 18.33
CA SER B 348 1.69 24.62 18.77
C SER B 348 1.07 25.60 17.78
N LEU B 349 -0.11 25.25 17.27
CA LEU B 349 -0.82 26.10 16.33
C LEU B 349 -1.79 27.02 17.07
N THR B 350 -1.80 28.29 16.66
CA THR B 350 -2.66 29.30 17.28
C THR B 350 -3.90 29.52 16.40
N TYR B 351 -5.06 29.62 17.04
CA TYR B 351 -6.32 29.83 16.33
C TYR B 351 -7.24 30.65 17.21
N GLU B 352 -7.63 31.83 16.73
CA GLU B 352 -8.54 32.73 17.44
C GLU B 352 -8.00 33.11 18.82
N ASN B 353 -6.68 33.23 18.94
CA ASN B 353 -6.01 33.57 20.19
C ASN B 353 -6.38 32.59 21.31
N THR B 354 -6.57 31.33 20.93
CA THR B 354 -6.93 30.28 21.87
C THR B 354 -6.16 29.01 21.52
N THR B 355 -6.10 28.09 22.48
CA THR B 355 -5.39 26.84 22.25
C THR B 355 -6.12 26.01 21.19
N ARG B 356 -5.36 25.14 20.52
CA ARG B 356 -5.89 24.29 19.46
C ARG B 356 -5.65 22.81 19.69
N LEU B 357 -4.50 22.47 20.27
CA LEU B 357 -4.16 21.08 20.56
C LEU B 357 -3.16 21.04 21.69
N ALA B 358 -3.12 19.90 22.37
CA ALA B 358 -2.20 19.72 23.50
C ALA B 358 -0.75 19.73 23.03
N ASN B 359 0.13 20.23 23.89
CA ASN B 359 1.55 20.32 23.58
C ASN B 359 2.17 18.93 23.48
N MET B 360 2.08 18.31 22.32
CA MET B 360 2.64 16.99 22.07
C MET B 360 3.99 17.11 21.37
N GLY B 361 4.74 16.01 21.39
CA GLY B 361 6.05 15.97 20.77
C GLY B 361 5.97 15.87 19.26
N VAL B 362 7.16 15.72 18.66
CA VAL B 362 7.24 15.61 17.21
C VAL B 362 6.77 14.25 16.70
N GLU B 363 6.67 13.25 17.58
CA GLU B 363 6.20 11.93 17.17
C GLU B 363 4.70 11.87 16.96
N TYR B 364 3.96 12.90 17.37
CA TYR B 364 2.52 12.96 17.19
C TYR B 364 2.08 13.91 16.09
N TYR B 365 2.78 15.04 15.94
CA TYR B 365 2.42 16.02 14.92
C TYR B 365 2.92 15.63 13.53
N SER B 366 3.95 14.78 13.45
CA SER B 366 4.53 14.40 12.17
C SER B 366 4.14 13.00 11.72
N LEU B 367 3.78 12.12 12.66
CA LEU B 367 3.44 10.74 12.33
C LEU B 367 1.95 10.46 12.44
N VAL B 368 1.34 10.76 13.58
CA VAL B 368 -0.07 10.43 13.79
C VAL B 368 -0.97 11.37 13.01
N GLN B 369 -0.54 12.61 12.76
CA GLN B 369 -1.40 13.55 12.03
C GLN B 369 -1.60 13.14 10.58
N PRO B 370 -0.57 12.79 9.81
CA PRO B 370 -0.82 12.27 8.45
C PRO B 370 -1.35 10.85 8.43
N TRP B 371 -1.33 10.15 9.57
CA TRP B 371 -1.82 8.78 9.62
C TRP B 371 -3.34 8.72 9.72
N TYR B 372 -3.97 9.76 10.26
CA TYR B 372 -5.42 9.78 10.39
C TYR B 372 -6.09 9.89 9.03
N PHE B 373 -6.10 11.10 8.46
CA PHE B 373 -6.69 11.31 7.15
C PHE B 373 -5.75 10.83 6.06
N SER B 374 -6.33 10.27 4.99
CA SER B 374 -5.61 9.78 3.82
C SER B 374 -4.75 8.55 4.13
N ALA B 375 -4.29 8.43 5.37
CA ALA B 375 -3.47 7.30 5.83
C ALA B 375 -2.20 7.16 4.99
N SER B 376 -1.27 8.07 5.27
CA SER B 376 0.02 8.10 4.60
C SER B 376 1.14 8.09 5.61
N ILE B 377 2.32 7.67 5.16
CA ILE B 377 3.50 7.60 6.03
C ILE B 377 4.48 8.70 5.63
N PRO B 378 5.12 9.36 6.59
CA PRO B 378 6.08 10.42 6.24
C PRO B 378 7.50 9.91 6.14
N VAL B 379 8.46 10.71 6.62
CA VAL B 379 9.87 10.34 6.64
C VAL B 379 10.56 11.13 7.74
N TYR B 380 11.62 10.54 8.29
CA TYR B 380 12.38 11.16 9.39
C TYR B 380 13.22 12.29 8.80
N THR B 381 12.67 13.51 8.85
CA THR B 381 13.36 14.68 8.32
C THR B 381 13.02 15.92 9.12
N GLY B 382 11.72 16.25 9.19
CA GLY B 382 11.27 17.42 9.91
C GLY B 382 9.93 17.93 9.42
N TYR B 383 9.04 17.01 9.05
CA TYR B 383 7.73 17.39 8.55
C TYR B 383 6.79 17.73 9.70
N HIS B 384 5.79 18.56 9.40
CA HIS B 384 4.78 18.95 10.37
C HIS B 384 3.45 19.12 9.65
N MET B 385 2.39 18.59 10.26
CA MET B 385 1.07 18.65 9.67
C MET B 385 0.03 18.52 10.78
N TYR B 386 -1.21 18.88 10.43
CA TYR B 386 -2.33 18.81 11.37
C TYR B 386 -3.57 18.37 10.61
N SER B 387 -4.19 17.28 11.06
CA SER B 387 -5.39 16.79 10.41
C SER B 387 -6.58 17.67 10.75
N TYR B 388 -7.36 18.03 9.72
CA TYR B 388 -8.52 18.90 9.92
C TYR B 388 -9.73 18.36 9.15
N ALA B 389 -9.89 18.81 7.90
CA ALA B 389 -11.02 18.37 7.09
C ALA B 389 -10.81 16.95 6.61
N LEU B 390 -11.93 16.31 6.22
CA LEU B 390 -11.91 14.94 5.73
C LEU B 390 -12.45 14.81 4.31
N ASN B 391 -12.79 15.91 3.65
CA ASN B 391 -13.30 15.88 2.29
C ASN B 391 -12.61 16.98 1.49
N VAL B 392 -11.72 16.58 0.59
CA VAL B 392 -10.99 17.51 -0.26
C VAL B 392 -11.61 17.48 -1.65
N GLY B 393 -12.25 18.58 -2.03
CA GLY B 393 -12.88 18.67 -3.34
C GLY B 393 -14.35 18.29 -3.31
N SER B 394 -15.20 19.22 -2.89
CA SER B 394 -16.64 18.99 -2.82
C SER B 394 -17.36 20.29 -3.13
N VAL B 395 -18.69 20.24 -3.09
CA VAL B 395 -19.51 21.42 -3.38
C VAL B 395 -19.89 22.18 -2.12
N HIS B 396 -19.47 21.72 -0.95
CA HIS B 396 -19.78 22.39 0.31
C HIS B 396 -18.69 22.13 1.34
N PRO B 397 -18.01 23.17 1.83
CA PRO B 397 -16.96 22.97 2.83
C PRO B 397 -17.51 22.47 4.16
N SER B 398 -17.21 21.21 4.50
CA SER B 398 -17.68 20.60 5.74
C SER B 398 -16.54 20.65 6.76
N GLY B 399 -16.30 21.85 7.28
CA GLY B 399 -15.25 22.05 8.26
C GLY B 399 -13.95 22.53 7.66
N SER B 400 -13.84 23.84 7.43
CA SER B 400 -12.65 24.43 6.85
C SER B 400 -12.30 25.70 7.62
N THR B 401 -11.00 25.93 7.80
CA THR B 401 -10.54 27.12 8.52
C THR B 401 -10.77 28.38 7.67
N ASN B 402 -11.97 28.94 7.76
CA ASN B 402 -12.31 30.15 7.02
C ASN B 402 -11.53 31.32 7.58
N TYR B 403 -10.49 31.74 6.86
CA TYR B 403 -9.64 32.85 7.28
C TYR B 403 -10.20 34.21 6.89
N GLY B 404 -11.39 34.26 6.31
CA GLY B 404 -11.98 35.53 5.93
C GLY B 404 -12.40 36.39 7.11
N ARG B 405 -12.68 35.78 8.27
CA ARG B 405 -13.06 36.52 9.46
C ARG B 405 -12.03 36.43 10.58
N LEU B 406 -10.99 35.62 10.41
CA LEU B 406 -9.96 35.47 11.44
C LEU B 406 -8.88 36.53 11.25
N THR B 407 -8.44 37.10 12.38
CA THR B 407 -7.40 38.13 12.36
C THR B 407 -6.26 37.81 13.33
N ASN B 408 -6.13 36.55 13.74
CA ASN B 408 -5.07 36.15 14.67
C ASN B 408 -4.70 34.70 14.37
N ALA B 409 -3.52 34.50 13.79
CA ALA B 409 -3.05 33.15 13.47
C ALA B 409 -1.54 33.18 13.40
N SER B 410 -0.87 32.38 14.22
CA SER B 410 0.58 32.33 14.27
C SER B 410 1.02 30.87 14.43
N ILE B 411 2.33 30.67 14.54
CA ILE B 411 2.90 29.35 14.70
C ILE B 411 4.23 29.49 15.45
N THR B 412 4.54 28.49 16.27
CA THR B 412 5.77 28.47 17.04
C THR B 412 6.52 27.17 16.80
N VAL B 413 7.85 27.25 16.82
CA VAL B 413 8.72 26.10 16.62
C VAL B 413 9.78 26.11 17.72
N THR B 414 9.84 25.02 18.48
CA THR B 414 10.80 24.87 19.56
C THR B 414 11.89 23.90 19.13
N MET B 415 13.14 24.34 19.26
CA MET B 415 14.30 23.54 18.89
C MET B 415 15.13 23.22 20.13
N SER B 416 16.24 22.50 19.91
CA SER B 416 17.13 22.10 20.98
C SER B 416 18.41 22.93 20.97
N PRO B 417 18.98 23.23 22.15
CA PRO B 417 20.22 24.02 22.19
C PRO B 417 21.42 23.22 21.72
N GLU B 418 22.56 23.90 21.58
CA GLU B 418 23.78 23.24 21.12
C GLU B 418 24.63 22.79 22.31
N SER B 419 25.72 23.52 22.57
CA SER B 419 26.64 23.22 23.67
C SER B 419 27.20 21.80 23.55
N VAL B 420 27.45 21.36 22.32
CA VAL B 420 27.99 20.04 22.07
C VAL B 420 28.67 20.06 20.70
N VAL B 421 29.59 19.12 20.49
CA VAL B 421 30.31 19.02 19.23
C VAL B 421 29.48 18.22 18.24
N ALA B 422 29.87 18.23 16.97
CA ALA B 422 29.18 17.50 15.92
C ALA B 422 29.77 16.11 15.68
N ALA B 423 30.55 15.59 16.62
CA ALA B 423 31.16 14.28 16.49
C ALA B 423 30.57 13.27 17.46
N ALA B 424 29.54 13.64 18.20
CA ALA B 424 28.91 12.74 19.16
C ALA B 424 27.48 12.37 18.81
N GLY B 425 26.78 13.16 18.01
CA GLY B 425 25.42 12.90 17.62
C GLY B 425 24.49 14.03 18.01
N GLY B 426 23.20 13.82 17.72
CA GLY B 426 22.19 14.81 18.02
C GLY B 426 21.21 14.35 19.08
N GLY B 427 19.99 14.84 19.02
CA GLY B 427 18.98 14.47 19.99
C GLY B 427 18.01 15.63 20.22
N ASN B 428 17.09 15.41 21.15
CA ASN B 428 16.09 16.40 21.50
C ASN B 428 16.60 17.45 22.47
N ASN B 429 17.84 17.33 22.95
CA ASN B 429 18.41 18.28 23.89
C ASN B 429 19.75 18.86 23.45
N ASN B 430 20.48 18.20 22.55
CA ASN B 430 21.77 18.68 22.08
C ASN B 430 21.87 18.49 20.58
N SER B 431 22.52 19.45 19.91
CA SER B 431 22.69 19.40 18.46
C SER B 431 24.05 19.98 18.11
N GLY B 432 24.70 19.37 17.11
CA GLY B 432 26.01 19.80 16.67
C GLY B 432 25.96 21.02 15.77
N TYR B 433 26.86 21.04 14.79
CA TYR B 433 26.93 22.15 13.84
C TYR B 433 25.99 22.00 12.67
N ASN B 434 25.17 20.95 12.64
CA ASN B 434 24.21 20.72 11.56
C ASN B 434 22.85 21.36 11.84
N GLU B 435 22.79 22.32 12.77
CA GLU B 435 21.54 22.98 13.11
C GLU B 435 21.45 24.40 12.52
N PRO B 436 22.51 25.22 12.59
CA PRO B 436 22.42 26.55 11.95
C PRO B 436 22.33 26.49 10.43
N GLN B 437 22.54 25.32 9.81
CA GLN B 437 22.43 25.23 8.36
C GLN B 437 20.99 25.37 7.88
N ARG B 438 20.03 24.93 8.68
CA ARG B 438 18.62 25.01 8.35
C ARG B 438 18.03 26.25 8.99
N PHE B 439 17.57 27.20 8.18
CA PHE B 439 16.99 28.42 8.72
C PHE B 439 15.84 28.96 7.86
N ALA B 440 15.25 28.15 6.99
CA ALA B 440 14.15 28.56 6.11
C ALA B 440 12.88 27.89 6.61
N LEU B 441 11.90 28.71 7.00
CA LEU B 441 10.62 28.24 7.49
C LEU B 441 9.55 28.64 6.46
N VAL B 442 9.38 27.81 5.44
CA VAL B 442 8.42 28.04 4.38
C VAL B 442 7.18 27.21 4.66
N VAL B 443 6.05 27.88 4.89
CA VAL B 443 4.79 27.22 5.18
C VAL B 443 3.94 27.24 3.92
N ILE B 444 3.48 26.06 3.50
CA ILE B 444 2.65 25.90 2.31
C ILE B 444 1.26 25.44 2.75
N ALA B 445 0.24 26.15 2.30
CA ALA B 445 -1.14 25.84 2.62
C ALA B 445 -1.93 25.56 1.35
N VAL B 446 -3.12 25.01 1.52
CA VAL B 446 -4.03 24.67 0.44
C VAL B 446 -5.37 25.30 0.70
N ASN B 447 -5.90 26.02 -0.29
CA ASN B 447 -7.19 26.69 -0.18
C ASN B 447 -8.12 26.20 -1.27
N HIS B 448 -9.39 26.58 -1.16
CA HIS B 448 -10.42 26.21 -2.11
C HIS B 448 -10.95 27.45 -2.81
N ASN B 449 -11.02 27.40 -4.14
CA ASN B 449 -11.49 28.52 -4.93
C ASN B 449 -12.45 28.01 -6.00
N VAL B 450 -13.24 28.93 -6.53
CA VAL B 450 -14.22 28.64 -7.58
C VAL B 450 -13.94 29.55 -8.76
N ILE B 451 -13.60 28.94 -9.90
CA ILE B 451 -13.31 29.70 -11.11
C ILE B 451 -14.60 29.91 -11.88
N ARG B 452 -14.96 31.18 -12.09
CA ARG B 452 -16.18 31.55 -12.81
C ARG B 452 -15.86 31.60 -14.30
N ILE B 453 -16.46 30.69 -15.06
CA ILE B 453 -16.26 30.60 -16.51
C ILE B 453 -17.46 31.25 -17.19
N MET B 454 -17.22 32.35 -17.89
CA MET B 454 -18.27 33.07 -18.60
C MET B 454 -17.68 33.77 -19.80
N ASN B 455 -18.35 33.67 -20.94
CA ASN B 455 -17.89 34.30 -22.17
C ASN B 455 -18.20 35.78 -22.11
N GLY B 456 -17.18 36.60 -21.87
CA GLY B 456 -17.33 38.03 -21.78
C GLY B 456 -17.32 38.60 -20.38
N SER B 457 -17.32 37.74 -19.36
CA SER B 457 -17.32 38.19 -17.97
C SER B 457 -16.32 37.36 -17.18
N MET B 458 -15.52 38.03 -16.35
CA MET B 458 -14.51 37.36 -15.52
C MET B 458 -14.57 37.98 -14.14
N GLY B 459 -15.25 37.30 -13.20
CA GLY B 459 -15.38 37.77 -11.84
C GLY B 459 -14.90 36.73 -10.84
N PHE B 460 -14.95 37.14 -9.57
CA PHE B 460 -14.53 36.27 -8.46
C PHE B 460 -15.70 36.02 -7.55
N PRO B 461 -16.23 34.79 -7.48
CA PRO B 461 -17.38 34.53 -6.60
C PRO B 461 -16.96 34.32 -5.15
N ILE B 462 -17.67 33.44 -4.44
CA ILE B 462 -17.36 33.16 -3.04
C ILE B 462 -16.34 32.03 -2.96
N LEU B 463 -15.91 31.72 -1.74
CA LEU B 463 -14.91 30.68 -1.53
C LEU B 463 -15.53 29.29 -1.65
N TYR C 41 -23.18 27.83 -7.95
CA TYR C 41 -22.94 28.75 -6.85
C TYR C 41 -23.07 28.04 -5.50
N PRO C 42 -21.95 27.56 -4.97
CA PRO C 42 -21.98 26.86 -3.68
C PRO C 42 -22.31 27.82 -2.55
N VAL C 43 -22.63 27.24 -1.39
CA VAL C 43 -22.97 27.99 -0.19
C VAL C 43 -21.93 27.66 0.88
N GLY C 44 -21.17 28.67 1.28
CA GLY C 44 -20.14 28.49 2.29
C GLY C 44 -20.35 29.44 3.46
N TRP C 45 -19.93 28.99 4.64
CA TRP C 45 -20.06 29.77 5.86
C TRP C 45 -18.83 29.54 6.72
N PHE C 46 -18.71 30.36 7.77
CA PHE C 46 -17.57 30.26 8.70
C PHE C 46 -17.74 29.01 9.56
N THR C 47 -16.99 27.97 9.22
CA THR C 47 -17.02 26.71 9.95
C THR C 47 -15.76 26.53 10.77
N LYS C 48 -15.86 25.75 11.83
CA LYS C 48 -14.74 25.49 12.72
C LYS C 48 -14.73 24.02 13.11
N LEU C 49 -13.59 23.57 13.64
CA LEU C 49 -13.43 22.19 14.08
C LEU C 49 -12.31 22.12 15.12
N PRO C 50 -12.61 22.41 16.38
CA PRO C 50 -11.58 22.37 17.42
C PRO C 50 -11.38 20.94 17.92
N THR C 51 -10.40 20.79 18.81
CA THR C 51 -10.05 19.49 19.41
C THR C 51 -9.76 19.73 20.89
N MET C 52 -10.81 19.94 21.67
CA MET C 52 -10.67 20.19 23.09
C MET C 52 -10.42 18.88 23.85
N ALA C 53 -9.53 18.94 24.85
CA ALA C 53 -9.21 17.77 25.63
C ALA C 53 -10.38 17.43 26.56
N THR C 54 -10.87 16.19 26.44
CA THR C 54 -12.00 15.76 27.26
C THR C 54 -11.54 15.50 28.70
N ARG C 55 -12.52 15.37 29.59
CA ARG C 55 -12.24 15.12 31.00
C ARG C 55 -11.88 13.66 31.22
N VAL C 56 -11.18 13.40 32.32
CA VAL C 56 -10.77 12.06 32.70
C VAL C 56 -11.29 11.75 34.09
N SER C 57 -11.40 10.46 34.39
CA SER C 57 -11.88 10.00 35.68
C SER C 57 -11.08 8.78 36.11
N GLY C 58 -10.48 8.86 37.29
CA GLY C 58 -9.68 7.78 37.83
C GLY C 58 -8.20 7.97 37.55
N ASN C 59 -7.38 7.36 38.41
CA ASN C 59 -5.94 7.44 38.28
C ASN C 59 -5.43 6.33 37.37
N PRO C 60 -4.85 6.65 36.22
CA PRO C 60 -4.35 5.59 35.32
C PRO C 60 -3.14 4.89 35.92
N ALA C 61 -3.25 3.57 36.10
CA ALA C 61 -2.17 2.79 36.67
C ALA C 61 -2.01 1.46 35.93
N PHE C 62 -1.72 0.39 36.66
CA PHE C 62 -1.54 -0.94 36.09
C PHE C 62 -2.66 -1.83 36.60
N GLY C 63 -3.57 -2.20 35.71
CA GLY C 63 -4.69 -3.05 36.07
C GLY C 63 -5.77 -2.33 36.84
N GLN C 64 -6.50 -1.45 36.16
CA GLN C 64 -7.58 -0.69 36.80
C GLN C 64 -8.57 -0.26 35.73
N GLU C 65 -9.75 0.12 36.19
CA GLU C 65 -10.82 0.58 35.31
C GLU C 65 -10.70 2.09 35.10
N PHE C 66 -10.60 2.52 33.85
CA PHE C 66 -10.46 3.92 33.49
C PHE C 66 -11.65 4.32 32.63
N SER C 67 -12.48 5.22 33.13
CA SER C 67 -13.64 5.71 32.41
C SER C 67 -13.34 7.06 31.77
N VAL C 68 -13.90 7.27 30.58
CA VAL C 68 -13.69 8.49 29.82
C VAL C 68 -15.05 9.12 29.56
N GLY C 69 -15.22 10.37 29.97
CA GLY C 69 -16.46 11.08 29.75
C GLY C 69 -16.39 12.05 28.58
N VAL C 70 -16.83 11.60 27.41
CA VAL C 70 -16.80 12.42 26.20
C VAL C 70 -17.86 13.51 26.30
N PRO C 71 -17.59 14.71 25.80
CA PRO C 71 -18.60 15.77 25.89
C PRO C 71 -19.80 15.48 25.00
N ARG C 72 -20.89 16.19 25.29
CA ARG C 72 -22.13 16.02 24.52
C ARG C 72 -22.80 17.33 24.15
N SER C 73 -22.23 18.48 24.51
CA SER C 73 -22.81 19.77 24.18
C SER C 73 -22.51 20.23 22.77
N GLY C 74 -21.70 19.49 22.02
CA GLY C 74 -21.35 19.86 20.67
C GLY C 74 -22.40 19.40 19.67
N ASP C 75 -22.04 19.56 18.39
CA ASP C 75 -22.94 19.16 17.31
C ASP C 75 -22.79 17.68 16.97
N TYR C 76 -21.55 17.24 16.72
CA TYR C 76 -21.30 15.85 16.39
C TYR C 76 -19.88 15.50 16.82
N VAL C 77 -19.70 14.24 17.23
CA VAL C 77 -18.41 13.75 17.67
C VAL C 77 -17.76 12.96 16.53
N LEU C 78 -16.45 12.88 16.56
CA LEU C 78 -15.69 12.17 15.54
C LEU C 78 -14.84 11.07 16.15
N ASN C 79 -13.61 10.91 15.66
CA ASN C 79 -12.71 9.88 16.15
C ASN C 79 -11.98 10.35 17.39
N ALA C 80 -11.64 9.40 18.26
CA ALA C 80 -10.92 9.67 19.49
C ALA C 80 -9.54 9.01 19.44
N TRP C 81 -8.64 9.53 20.27
CA TRP C 81 -7.27 9.03 20.34
C TRP C 81 -6.87 8.82 21.78
N LEU C 82 -6.01 7.83 22.00
CA LEU C 82 -5.51 7.48 23.32
C LEU C 82 -4.00 7.66 23.35
N THR C 83 -3.47 8.08 24.50
CA THR C 83 -2.04 8.31 24.67
C THR C 83 -1.58 7.59 25.93
N LEU C 84 -0.69 6.63 25.77
CA LEU C 84 -0.15 5.86 26.88
C LEU C 84 1.36 5.73 26.70
N LYS C 85 2.12 6.18 27.69
CA LYS C 85 3.58 6.12 27.65
C LYS C 85 4.05 4.99 28.56
N THR C 86 4.80 4.05 27.99
CA THR C 86 5.32 2.88 28.71
C THR C 86 6.82 2.78 28.46
N PRO C 87 7.63 3.52 29.22
CA PRO C 87 9.07 3.45 29.03
C PRO C 87 9.68 2.21 29.66
N GLU C 88 10.73 1.70 29.01
CA GLU C 88 11.43 0.53 29.50
C GLU C 88 12.47 0.93 30.55
N ILE C 89 13.08 -0.07 31.18
CA ILE C 89 14.07 0.16 32.23
C ILE C 89 15.23 -0.80 32.08
N LYS C 90 15.54 -1.18 30.85
CA LYS C 90 16.65 -2.10 30.57
C LYS C 90 17.96 -1.31 30.47
N LEU C 91 19.02 -1.99 30.05
CA LEU C 91 20.33 -1.34 29.94
C LEU C 91 21.10 -1.88 28.73
N LEU C 92 21.48 -3.15 28.78
CA LEU C 92 22.26 -3.74 27.70
C LEU C 92 21.37 -3.97 26.48
N GLU C 93 22.01 -4.35 25.37
CA GLU C 93 21.31 -4.60 24.12
C GLU C 93 20.80 -6.04 24.06
N THR C 94 20.90 -6.67 22.89
CA THR C 94 20.44 -8.04 22.71
C THR C 94 21.51 -9.08 23.02
N ASN C 95 22.55 -8.69 23.77
CA ASN C 95 23.61 -9.63 24.11
C ASN C 95 23.15 -10.57 25.21
N ARG C 96 23.74 -11.78 25.21
CA ARG C 96 23.39 -12.79 26.20
C ARG C 96 24.15 -12.53 27.49
N LEU C 97 23.43 -12.55 28.61
CA LEU C 97 24.00 -12.33 29.93
C LEU C 97 23.59 -13.44 30.89
N GLY C 98 23.45 -14.65 30.36
CA GLY C 98 23.05 -15.78 31.21
C GLY C 98 21.57 -15.75 31.48
N ALA C 99 21.20 -15.78 32.76
CA ALA C 99 19.81 -15.76 33.18
C ALA C 99 19.24 -14.35 33.30
N ASN C 100 20.04 -13.32 33.06
CA ASN C 100 19.56 -11.96 33.15
C ASN C 100 18.71 -11.61 31.93
N GLY C 101 17.70 -10.76 32.16
CA GLY C 101 16.81 -10.33 31.11
C GLY C 101 17.23 -9.00 30.52
N THR C 102 17.42 -8.97 29.20
CA THR C 102 17.82 -7.74 28.52
C THR C 102 16.77 -7.34 27.49
N VAL C 103 17.20 -6.85 26.35
CA VAL C 103 16.30 -6.42 25.27
C VAL C 103 16.32 -7.52 24.22
N ARG C 104 15.47 -8.52 24.41
CA ARG C 104 15.37 -9.64 23.47
C ARG C 104 13.99 -10.27 23.53
N TRP C 105 13.25 -10.02 24.62
CA TRP C 105 11.90 -10.54 24.81
C TRP C 105 10.97 -9.36 25.09
N THR C 106 10.78 -8.52 24.08
CA THR C 106 9.94 -7.33 24.19
C THR C 106 8.78 -7.42 23.22
N LYS C 107 7.61 -6.98 23.69
CA LYS C 107 6.40 -6.97 22.88
C LYS C 107 5.75 -5.60 22.98
N ASN C 108 4.69 -5.40 22.21
CA ASN C 108 3.96 -4.13 22.23
C ASN C 108 3.26 -3.95 23.57
N LEU C 109 3.32 -2.74 24.11
CA LEU C 109 2.76 -2.48 25.44
C LEU C 109 1.34 -1.91 25.34
N MET C 110 1.15 -0.90 24.50
CA MET C 110 -0.17 -0.28 24.39
C MET C 110 -1.19 -1.23 23.76
N HIS C 111 -0.73 -2.14 22.89
CA HIS C 111 -1.65 -3.09 22.29
C HIS C 111 -2.10 -4.15 23.29
N ASN C 112 -1.26 -4.43 24.30
CA ASN C 112 -1.60 -5.41 25.33
C ASN C 112 -2.26 -4.78 26.55
N ALA C 113 -2.16 -3.46 26.71
CA ALA C 113 -2.76 -2.80 27.87
C ALA C 113 -4.28 -2.79 27.75
N VAL C 114 -4.80 -2.59 26.55
CA VAL C 114 -6.25 -2.56 26.35
C VAL C 114 -6.80 -3.99 26.47
N GLU C 115 -7.99 -4.10 27.04
CA GLU C 115 -8.62 -5.39 27.24
C GLU C 115 -10.10 -5.40 26.84
N HIS C 116 -10.84 -4.32 27.15
CA HIS C 116 -12.24 -4.24 26.82
C HIS C 116 -12.63 -2.77 26.67
N ALA C 117 -13.14 -2.41 25.48
CA ALA C 117 -13.56 -1.04 25.18
C ALA C 117 -15.00 -1.10 24.67
N SER C 118 -15.95 -0.88 25.58
CA SER C 118 -17.36 -0.90 25.24
C SER C 118 -17.88 0.51 25.08
N LEU C 119 -18.60 0.76 23.99
CA LEU C 119 -19.18 2.07 23.69
C LEU C 119 -20.64 2.05 24.14
N THR C 120 -20.89 2.57 25.34
CA THR C 120 -22.24 2.60 25.88
C THR C 120 -23.01 3.79 25.32
N PHE C 121 -24.22 3.53 24.84
CA PHE C 121 -25.09 4.58 24.30
C PHE C 121 -26.49 4.39 24.86
N ASN C 122 -26.99 5.43 25.54
CA ASN C 122 -28.31 5.40 26.17
C ASN C 122 -28.43 4.24 27.16
N ASP C 123 -27.38 4.03 27.95
CA ASP C 123 -27.32 2.96 28.95
C ASP C 123 -27.49 1.58 28.32
N ILE C 124 -27.13 1.45 27.05
CA ILE C 124 -27.23 0.19 26.32
C ILE C 124 -25.88 -0.10 25.67
N CYS C 125 -25.34 -1.28 25.93
CA CYS C 125 -24.06 -1.69 25.36
C CYS C 125 -24.23 -1.93 23.86
N ALA C 126 -23.90 -0.93 23.05
CA ALA C 126 -24.05 -1.05 21.61
C ALA C 126 -22.99 -1.98 21.03
N GLN C 127 -21.72 -1.68 21.27
CA GLN C 127 -20.61 -2.49 20.79
C GLN C 127 -19.52 -2.56 21.84
N GLN C 128 -18.75 -3.65 21.80
CA GLN C 128 -17.65 -3.86 22.73
C GLN C 128 -16.42 -4.33 21.97
N PHE C 129 -15.25 -3.91 22.46
CA PHE C 129 -13.98 -4.27 21.86
C PHE C 129 -13.19 -5.18 22.78
N ASN C 130 -12.13 -5.77 22.23
CA ASN C 130 -11.27 -6.67 22.99
C ASN C 130 -9.84 -6.52 22.47
N THR C 131 -8.95 -7.35 23.01
CA THR C 131 -7.56 -7.31 22.58
C THR C 131 -7.38 -7.93 21.20
N ALA C 132 -8.27 -8.85 20.83
CA ALA C 132 -8.17 -9.49 19.51
C ALA C 132 -8.75 -8.62 18.40
N TYR C 133 -9.73 -7.78 18.72
CA TYR C 133 -10.33 -6.92 17.70
C TYR C 133 -9.40 -5.77 17.32
N LEU C 134 -8.54 -5.32 18.23
CA LEU C 134 -7.62 -4.24 17.91
C LEU C 134 -6.59 -4.66 16.87
N ASP C 135 -6.25 -5.95 16.84
CA ASP C 135 -5.33 -6.47 15.84
C ASP C 135 -6.03 -7.01 14.60
N ALA C 136 -7.31 -7.36 14.71
CA ALA C 136 -8.05 -7.86 13.55
C ALA C 136 -8.47 -6.73 12.62
N TRP C 137 -8.74 -5.54 13.15
CA TRP C 137 -9.12 -4.43 12.30
C TRP C 137 -7.95 -3.90 11.49
N THR C 138 -6.73 -4.10 11.99
CA THR C 138 -5.54 -3.68 11.23
C THR C 138 -5.34 -4.55 10.00
N GLN C 139 -5.64 -5.84 10.11
CA GLN C 139 -5.51 -6.78 9.01
C GLN C 139 -6.78 -6.91 8.18
N PHE C 140 -7.60 -5.87 8.13
CA PHE C 140 -8.85 -5.92 7.38
C PHE C 140 -9.11 -4.59 6.69
N ASN C 141 -9.49 -3.57 7.45
CA ASN C 141 -9.79 -2.26 6.86
C ASN C 141 -8.53 -1.51 6.50
N MET C 142 -7.50 -1.58 7.34
CA MET C 142 -6.25 -0.88 7.07
C MET C 142 -5.47 -1.57 5.95
N CYS C 143 -5.78 -1.22 4.70
CA CYS C 143 -5.14 -1.82 3.55
C CYS C 143 -4.10 -0.93 2.89
N GLU C 144 -4.29 0.39 2.92
CA GLU C 144 -3.34 1.31 2.31
C GLU C 144 -2.16 1.57 3.23
N GLY C 145 -1.81 2.84 3.42
CA GLY C 145 -0.72 3.23 4.30
C GLY C 145 -1.06 3.28 5.76
N LYS C 146 -2.24 2.79 6.17
CA LYS C 146 -2.62 2.82 7.57
C LYS C 146 -1.93 1.72 8.37
N ARG C 147 -1.67 0.57 7.75
CA ARG C 147 -1.02 -0.53 8.46
C ARG C 147 0.48 -0.28 8.65
N ILE C 148 1.12 0.39 7.70
CA ILE C 148 2.55 0.65 7.80
C ILE C 148 2.83 1.57 8.98
N GLY C 149 2.05 2.66 9.11
CA GLY C 149 2.23 3.57 10.22
C GLY C 149 1.72 3.03 11.54
N TYR C 150 0.89 1.98 11.51
CA TYR C 150 0.38 1.41 12.75
C TYR C 150 1.45 0.63 13.50
N ASP C 151 2.43 0.08 12.78
CA ASP C 151 3.49 -0.68 13.43
C ASP C 151 4.50 0.20 14.16
N ASN C 152 4.60 1.48 13.77
CA ASN C 152 5.53 2.39 14.42
C ASN C 152 4.93 3.12 15.62
N MET C 153 3.61 3.31 15.62
CA MET C 153 2.93 4.02 16.70
C MET C 153 2.34 3.07 17.74
N ILE C 154 2.66 1.78 17.68
CA ILE C 154 2.16 0.81 18.66
C ILE C 154 3.33 0.04 19.24
N GLY C 155 4.04 -0.70 18.40
CA GLY C 155 5.17 -1.49 18.85
C GLY C 155 6.43 -0.67 19.08
N ASN C 156 7.02 -0.82 20.26
CA ASN C 156 8.25 -0.10 20.60
C ASN C 156 9.40 -0.72 19.83
N THR C 157 9.81 -0.07 18.75
CA THR C 157 10.89 -0.55 17.88
C THR C 157 11.94 0.55 17.77
N SER C 158 13.08 0.34 18.44
CA SER C 158 14.18 1.29 18.38
C SER C 158 15.46 0.58 17.92
N ASP C 159 16.06 -0.20 18.81
CA ASP C 159 17.23 -0.98 18.45
C ASP C 159 16.81 -2.14 17.55
N MET C 160 17.37 -2.18 16.33
CA MET C 160 17.01 -3.17 15.32
C MET C 160 15.50 -3.14 15.06
N THR C 161 15.04 -1.98 14.58
CA THR C 161 13.62 -1.77 14.35
C THR C 161 13.13 -2.60 13.16
N ASN C 162 11.83 -2.80 13.10
CA ASN C 162 11.19 -3.56 12.03
C ASN C 162 9.72 -3.16 11.92
N PRO C 163 9.31 -2.55 10.80
CA PRO C 163 7.91 -2.13 10.65
C PRO C 163 6.96 -3.31 10.50
N THR C 164 6.79 -4.08 11.57
CA THR C 164 5.91 -5.24 11.60
C THR C 164 5.22 -5.31 12.95
N PRO C 165 3.98 -5.81 12.99
CA PRO C 165 3.29 -5.93 14.29
C PRO C 165 3.96 -6.90 15.24
N ALA C 166 4.74 -7.86 14.75
CA ALA C 166 5.44 -8.83 15.58
C ALA C 166 6.77 -9.14 14.94
N GLN C 167 7.42 -10.20 15.43
CA GLN C 167 8.71 -10.66 14.92
C GLN C 167 9.76 -9.55 14.96
N GLY C 168 10.31 -9.29 16.14
CA GLY C 168 11.32 -8.26 16.29
C GLY C 168 10.77 -6.93 16.78
N GLN C 169 10.50 -6.84 18.08
CA GLN C 169 9.98 -5.62 18.67
C GLN C 169 10.87 -5.15 19.82
N ASP C 170 12.17 -5.10 19.59
CA ASP C 170 13.11 -4.70 20.63
C ASP C 170 12.97 -3.21 20.92
N GLY C 171 13.12 -2.84 22.19
CA GLY C 171 13.00 -1.46 22.62
C GLY C 171 14.25 -0.66 22.37
N ALA C 172 14.51 0.30 23.24
CA ALA C 172 15.66 1.19 23.14
C ALA C 172 16.72 0.74 24.14
N ARG C 173 17.30 1.64 24.95
CA ARG C 173 18.33 1.25 25.89
C ARG C 173 17.80 1.49 27.30
N THR C 174 18.11 2.62 27.92
CA THR C 174 17.68 2.93 29.28
C THR C 174 16.81 4.18 29.26
N LEU C 175 15.59 4.04 29.78
CA LEU C 175 14.62 5.13 29.89
C LEU C 175 14.35 5.77 28.53
N PRO C 176 13.57 5.12 27.66
CA PRO C 176 13.24 5.71 26.35
C PRO C 176 12.09 6.70 26.49
N SER C 177 12.37 7.97 26.24
CA SER C 177 11.36 9.03 26.33
C SER C 177 10.59 9.07 25.02
N LYS C 178 9.39 8.48 25.01
CA LYS C 178 8.55 8.45 23.83
C LYS C 178 7.09 8.29 24.26
N ASN C 179 6.19 8.46 23.32
CA ASN C 179 4.76 8.33 23.56
C ASN C 179 4.14 7.45 22.49
N LEU C 180 3.09 6.73 22.89
CA LEU C 180 2.38 5.82 22.00
C LEU C 180 0.95 6.28 21.82
N VAL C 181 0.44 6.15 20.60
CA VAL C 181 -0.91 6.59 20.25
C VAL C 181 -1.66 5.40 19.68
N LEU C 182 -2.90 5.21 20.14
CA LEU C 182 -3.78 4.14 19.65
C LEU C 182 -5.21 4.65 19.63
N PRO C 183 -5.75 4.95 18.45
CA PRO C 183 -7.13 5.44 18.37
C PRO C 183 -8.14 4.31 18.54
N LEU C 184 -9.41 4.71 18.61
CA LEU C 184 -10.50 3.77 18.76
C LEU C 184 -11.41 3.83 17.54
N PRO C 185 -11.40 2.84 16.66
CA PRO C 185 -12.26 2.88 15.47
C PRO C 185 -13.72 2.68 15.84
N PHE C 186 -14.58 3.52 15.30
CA PHE C 186 -16.02 3.46 15.53
C PHE C 186 -16.75 3.40 14.20
N PHE C 187 -18.08 3.34 14.28
CA PHE C 187 -18.91 3.28 13.08
C PHE C 187 -19.18 4.65 12.48
N PHE C 188 -18.77 5.73 13.14
CA PHE C 188 -18.98 7.08 12.63
C PHE C 188 -17.67 7.84 12.46
N SER C 189 -16.52 7.15 12.52
CA SER C 189 -15.22 7.79 12.38
C SER C 189 -14.58 7.48 11.03
N ARG C 190 -15.39 7.23 10.01
CA ARG C 190 -14.90 6.93 8.67
C ARG C 190 -15.27 7.96 7.62
N ASP C 191 -16.37 8.70 7.83
CA ASP C 191 -16.80 9.72 6.88
C ASP C 191 -17.58 10.79 7.62
N CYS C 192 -17.58 12.00 7.06
CA CYS C 192 -18.30 13.10 7.68
C CYS C 192 -19.80 12.97 7.49
N GLY C 193 -20.24 12.34 6.40
CA GLY C 193 -21.66 12.17 6.16
C GLY C 193 -22.33 11.12 7.02
N LEU C 194 -21.56 10.17 7.56
CA LEU C 194 -22.08 9.12 8.42
C LEU C 194 -21.76 9.34 9.89
N ALA C 195 -21.44 10.58 10.27
CA ALA C 195 -21.12 10.89 11.66
C ALA C 195 -22.39 10.93 12.51
N LEU C 196 -22.24 10.56 13.78
CA LEU C 196 -23.36 10.54 14.71
C LEU C 196 -23.52 11.92 15.34
N PRO C 197 -24.61 12.63 15.08
CA PRO C 197 -24.78 13.97 15.68
C PRO C 197 -25.16 13.88 17.14
N THR C 198 -24.63 14.80 17.94
CA THR C 198 -24.92 14.86 19.36
C THR C 198 -25.86 16.00 19.73
N VAL C 199 -26.11 16.94 18.81
CA VAL C 199 -27.01 18.06 19.11
C VAL C 199 -28.47 17.68 18.96
N VAL C 200 -28.78 16.65 18.15
CA VAL C 200 -30.17 16.24 17.98
C VAL C 200 -30.71 15.49 19.19
N LEU C 201 -29.84 14.89 20.00
CA LEU C 201 -30.24 14.16 21.20
C LEU C 201 -29.22 14.41 22.31
N PRO C 202 -29.32 15.54 23.00
CA PRO C 202 -28.38 15.86 24.07
C PRO C 202 -28.70 15.21 25.41
N TYR C 203 -29.67 14.30 25.46
CA TYR C 203 -30.05 13.64 26.71
C TYR C 203 -29.44 12.26 26.88
N ASN C 204 -28.86 11.69 25.81
CA ASN C 204 -28.24 10.38 25.92
C ASN C 204 -26.93 10.46 26.67
N GLU C 205 -26.69 9.49 27.54
CA GLU C 205 -25.47 9.43 28.35
C GLU C 205 -24.51 8.45 27.68
N ILE C 206 -23.56 8.98 26.93
CA ILE C 206 -22.55 8.17 26.23
C ILE C 206 -21.28 8.18 27.07
N ARG C 207 -20.62 7.02 27.15
CA ARG C 207 -19.41 6.88 27.93
C ARG C 207 -18.68 5.62 27.48
N ILE C 208 -17.37 5.73 27.31
CA ILE C 208 -16.53 4.60 26.93
C ILE C 208 -15.65 4.20 28.10
N ASN C 209 -15.38 2.91 28.21
CA ASN C 209 -14.57 2.36 29.29
C ASN C 209 -13.29 1.77 28.73
N ILE C 210 -12.17 2.04 29.40
CA ILE C 210 -10.86 1.55 29.00
C ILE C 210 -10.30 0.75 30.17
N LYS C 211 -10.22 -0.58 30.01
CA LYS C 211 -9.72 -1.47 31.04
C LYS C 211 -8.23 -1.70 30.77
N LEU C 212 -7.39 -1.25 31.70
CA LEU C 212 -5.95 -1.41 31.56
C LEU C 212 -5.51 -2.78 32.08
N ARG C 213 -4.28 -3.14 31.74
CA ARG C 213 -3.69 -4.42 32.13
C ARG C 213 -2.51 -4.17 33.08
N SER C 214 -2.44 -4.97 34.15
CA SER C 214 -1.36 -4.82 35.11
C SER C 214 -0.08 -5.48 34.64
N LEU C 215 -0.18 -6.57 33.88
CA LEU C 215 0.98 -7.28 33.38
C LEU C 215 1.58 -6.53 32.20
N GLN C 216 2.81 -6.06 32.35
CA GLN C 216 3.51 -5.31 31.32
C GLN C 216 4.77 -6.06 30.89
N GLU C 217 5.03 -6.05 29.59
CA GLU C 217 6.21 -6.73 29.06
C GLU C 217 7.47 -5.93 29.35
N LEU C 218 8.59 -6.64 29.49
CA LEU C 218 9.90 -6.04 29.77
C LEU C 218 9.85 -5.20 31.05
N LEU C 219 9.20 -5.72 32.08
CA LEU C 219 9.09 -5.03 33.35
C LEU C 219 8.94 -6.02 34.50
N VAL C 220 8.05 -7.01 34.33
CA VAL C 220 7.81 -8.01 35.35
C VAL C 220 7.82 -9.39 34.69
N PHE C 221 8.24 -9.46 33.44
CA PHE C 221 8.29 -10.71 32.71
C PHE C 221 9.52 -10.72 31.80
N GLN C 222 9.99 -11.92 31.48
CA GLN C 222 11.15 -12.08 30.62
C GLN C 222 11.10 -13.42 29.89
N ASN C 223 10.44 -14.40 30.49
CA ASN C 223 10.30 -15.73 29.92
C ASN C 223 8.84 -15.97 29.53
N LYS C 224 8.51 -17.24 29.25
CA LYS C 224 7.15 -17.59 28.88
C LYS C 224 6.23 -17.66 30.09
N ASP C 225 6.71 -18.24 31.19
CA ASP C 225 5.93 -18.37 32.41
C ASP C 225 6.46 -17.36 33.40
N THR C 226 7.22 -17.77 34.41
CA THR C 226 7.78 -16.86 35.41
C THR C 226 9.30 -16.83 35.28
N GLY C 227 9.87 -15.63 35.30
CA GLY C 227 11.30 -15.47 35.18
C GLY C 227 11.98 -15.19 36.51
N ASN C 228 12.27 -16.25 37.26
CA ASN C 228 12.95 -16.18 38.55
C ASN C 228 12.18 -15.34 39.57
N VAL C 229 10.87 -15.15 39.34
CA VAL C 229 9.99 -14.39 40.23
C VAL C 229 10.55 -12.99 40.45
N ILE C 230 10.26 -12.08 39.53
CA ILE C 230 10.71 -10.69 39.65
C ILE C 230 9.47 -9.80 39.75
N PRO C 231 8.99 -9.49 40.96
CA PRO C 231 7.81 -8.64 41.08
C PRO C 231 8.14 -7.15 41.02
N ILE C 232 9.26 -6.76 41.63
CA ILE C 232 9.67 -5.36 41.67
C ILE C 232 11.18 -5.29 41.88
N SER C 233 11.80 -6.45 42.09
CA SER C 233 13.24 -6.50 42.32
C SER C 233 14.00 -6.07 41.06
N ALA C 234 15.22 -5.58 41.27
CA ALA C 234 16.08 -5.09 40.19
C ALA C 234 17.32 -5.99 40.13
N THR C 235 17.18 -7.12 39.45
CA THR C 235 18.29 -8.06 39.27
C THR C 235 19.20 -7.52 38.17
N ASP C 236 20.28 -6.85 38.58
CA ASP C 236 21.23 -6.23 37.66
C ASP C 236 20.53 -5.25 36.72
N ILE C 237 19.58 -4.49 37.27
CA ILE C 237 18.79 -3.52 36.52
C ILE C 237 18.07 -4.21 35.37
N ALA C 238 16.91 -4.80 35.65
CA ALA C 238 16.14 -5.49 34.64
C ALA C 238 14.66 -5.55 35.02
N GLY C 239 14.32 -4.98 36.18
CA GLY C 239 12.95 -4.96 36.63
C GLY C 239 12.68 -3.91 37.68
N GLY C 240 13.64 -2.99 37.86
CA GLY C 240 13.51 -1.93 38.84
C GLY C 240 13.14 -0.61 38.21
N LEU C 241 12.90 0.38 39.08
CA LEU C 241 12.53 1.73 38.67
C LEU C 241 11.28 1.72 37.79
N ALA C 242 10.30 0.90 38.15
CA ALA C 242 9.06 0.79 37.39
C ALA C 242 8.19 2.03 37.64
N ASP C 243 7.70 2.61 36.55
CA ASP C 243 6.86 3.80 36.62
C ASP C 243 5.46 3.48 36.09
N THR C 244 4.49 4.28 36.50
CA THR C 244 3.12 4.09 36.07
C THR C 244 2.91 4.66 34.66
N VAL C 245 1.72 4.46 34.13
CA VAL C 245 1.37 4.92 32.81
C VAL C 245 0.40 6.10 32.93
N GLU C 246 0.53 7.05 32.01
CA GLU C 246 -0.30 8.24 31.99
C GLU C 246 -1.26 8.15 30.82
N ALA C 247 -2.53 8.49 31.06
CA ALA C 247 -3.58 8.43 30.04
C ALA C 247 -4.01 9.85 29.69
N TYR C 248 -3.80 10.23 28.44
CA TYR C 248 -4.19 11.55 27.93
C TYR C 248 -5.23 11.34 26.84
N VAL C 249 -6.50 11.53 27.19
CA VAL C 249 -7.63 11.31 26.28
C VAL C 249 -8.14 12.67 25.83
N TYR C 250 -8.45 12.78 24.54
CA TYR C 250 -8.99 14.01 23.97
C TYR C 250 -9.92 13.66 22.82
N MET C 251 -11.06 14.34 22.75
CA MET C 251 -12.06 14.10 21.73
C MET C 251 -12.43 15.42 21.07
N THR C 252 -12.36 15.46 19.74
CA THR C 252 -12.71 16.67 19.01
C THR C 252 -14.21 16.92 19.05
N VAL C 253 -14.58 18.18 18.92
CA VAL C 253 -15.98 18.61 18.96
C VAL C 253 -16.34 19.21 17.61
N GLY C 254 -17.44 18.76 17.04
CA GLY C 254 -17.89 19.28 15.76
C GLY C 254 -18.61 20.61 15.92
N LEU C 255 -18.43 21.48 14.93
CA LEU C 255 -19.02 22.81 14.93
C LEU C 255 -19.65 23.06 13.56
N VAL C 256 -20.99 23.16 13.53
CA VAL C 256 -21.72 23.42 12.30
C VAL C 256 -22.36 24.80 12.41
N SER C 257 -22.59 25.42 11.25
CA SER C 257 -23.19 26.74 11.21
C SER C 257 -24.63 26.70 11.73
N ASN C 258 -25.12 27.88 12.13
CA ASN C 258 -26.47 27.99 12.67
C ASN C 258 -27.55 27.80 11.62
N VAL C 259 -27.20 27.85 10.33
CA VAL C 259 -28.20 27.65 9.29
C VAL C 259 -28.64 26.20 9.23
N GLU C 260 -27.69 25.27 9.34
CA GLU C 260 -27.99 23.84 9.30
C GLU C 260 -28.10 23.23 10.69
N ARG C 261 -27.91 24.00 11.75
CA ARG C 261 -28.00 23.47 13.10
C ARG C 261 -29.44 23.29 13.54
N CYS C 262 -30.32 24.22 13.17
CA CYS C 262 -31.73 24.10 13.55
C CYS C 262 -32.44 23.01 12.76
N ALA C 263 -32.05 22.80 11.51
CA ALA C 263 -32.67 21.76 10.69
C ALA C 263 -32.21 20.37 11.08
N MET C 264 -31.06 20.24 11.73
CA MET C 264 -30.57 18.92 12.13
C MET C 264 -31.23 18.45 13.41
N ALA C 265 -31.45 19.36 14.37
CA ALA C 265 -32.08 19.02 15.64
C ALA C 265 -33.58 19.33 15.57
N GLY C 266 -34.29 18.45 14.87
CA GLY C 266 -35.72 18.61 14.71
C GLY C 266 -36.30 17.71 13.63
N THR C 267 -35.49 17.40 12.62
CA THR C 267 -35.91 16.54 11.52
C THR C 267 -35.46 15.11 11.77
N VAL C 268 -36.27 14.15 11.31
CA VAL C 268 -35.93 12.75 11.48
C VAL C 268 -34.75 12.38 10.60
N ARG C 269 -34.04 11.33 10.98
CA ARG C 269 -32.86 10.87 10.26
C ARG C 269 -32.67 9.39 10.50
N ASP C 270 -32.70 8.60 9.42
CA ASP C 270 -32.52 7.16 9.49
C ASP C 270 -31.07 6.84 9.16
N MET C 271 -30.25 6.66 10.19
CA MET C 271 -28.84 6.39 10.02
C MET C 271 -28.56 4.89 10.09
N VAL C 272 -27.46 4.49 9.46
CA VAL C 272 -27.01 3.10 9.44
C VAL C 272 -25.67 3.03 10.15
N VAL C 273 -25.53 2.07 11.06
CA VAL C 273 -24.31 1.90 11.84
C VAL C 273 -23.82 0.47 11.67
N GLU C 274 -22.57 0.24 12.10
CA GLU C 274 -21.94 -1.08 12.05
C GLU C 274 -21.34 -1.36 13.42
N GLN C 275 -22.10 -2.06 14.26
CA GLN C 275 -21.67 -2.39 15.61
C GLN C 275 -20.80 -3.64 15.62
N MET C 276 -20.25 -3.94 16.79
CA MET C 276 -19.42 -5.12 17.00
C MET C 276 -20.02 -6.00 18.08
N GLN C 277 -19.77 -7.30 17.97
CA GLN C 277 -20.27 -8.27 18.94
C GLN C 277 -19.20 -9.32 19.18
N ALA C 278 -18.89 -9.56 20.46
CA ALA C 278 -17.88 -10.52 20.86
C ALA C 278 -18.50 -11.59 21.76
N ALA C 279 -17.83 -12.73 21.82
CA ALA C 279 -18.30 -13.85 22.65
C ALA C 279 -17.09 -14.69 23.04
N PRO C 280 -16.52 -14.42 24.22
CA PRO C 280 -15.35 -15.19 24.66
C PRO C 280 -15.75 -16.60 25.07
N THR C 281 -15.03 -17.59 24.54
CA THR C 281 -15.30 -18.98 24.85
C THR C 281 -14.09 -19.63 25.50
N HIS C 282 -13.90 -20.93 25.26
CA HIS C 282 -12.77 -21.67 25.81
C HIS C 282 -12.42 -22.81 24.89
N ILE C 283 -11.13 -22.97 24.61
CA ILE C 283 -10.64 -24.03 23.74
C ILE C 283 -10.11 -25.15 24.61
N VAL C 284 -10.06 -26.36 24.03
CA VAL C 284 -9.57 -27.52 24.77
C VAL C 284 -8.07 -27.38 25.02
N ASN C 285 -7.60 -28.03 26.08
CA ASN C 285 -6.19 -27.96 26.42
C ASN C 285 -5.37 -28.76 25.42
N PRO C 286 -4.18 -28.30 25.04
CA PRO C 286 -3.35 -29.04 24.09
C PRO C 286 -2.85 -30.34 24.70
N GLN C 287 -3.20 -31.46 24.07
CA GLN C 287 -2.78 -32.76 24.54
C GLN C 287 -2.62 -33.73 23.37
N ASN C 288 -3.09 -34.98 23.54
CA ASN C 288 -2.98 -35.96 22.46
C ASN C 288 -3.96 -35.64 21.34
N THR C 289 -5.18 -35.26 21.69
CA THR C 289 -6.21 -34.91 20.71
C THR C 289 -6.68 -33.48 20.97
N ASN C 290 -6.95 -32.76 19.88
CA ASN C 290 -7.40 -31.37 19.94
C ASN C 290 -8.58 -31.20 18.99
N ASN C 291 -9.79 -31.12 19.53
CA ASN C 291 -10.99 -30.95 18.73
C ASN C 291 -12.08 -30.34 19.59
N VAL C 292 -12.66 -29.24 19.12
CA VAL C 292 -13.72 -28.53 19.83
C VAL C 292 -14.91 -28.38 18.90
N HIS C 293 -16.07 -28.06 19.52
CA HIS C 293 -17.30 -27.87 18.76
C HIS C 293 -18.25 -26.96 19.53
N VAL C 294 -17.76 -25.80 19.97
CA VAL C 294 -18.58 -24.86 20.71
C VAL C 294 -19.45 -24.08 19.74
N ASP C 295 -20.74 -23.98 20.05
CA ASP C 295 -21.67 -23.25 19.21
C ASP C 295 -21.42 -21.75 19.33
N MET C 296 -21.87 -21.02 18.30
CA MET C 296 -21.73 -19.57 18.24
C MET C 296 -23.07 -18.95 17.90
N ARG C 297 -23.56 -18.08 18.78
CA ARG C 297 -24.83 -17.41 18.59
C ARG C 297 -24.63 -15.90 18.71
N PHE C 298 -25.44 -15.15 17.98
CA PHE C 298 -25.35 -13.69 17.99
C PHE C 298 -26.74 -13.06 17.97
N SER C 299 -26.92 -12.01 17.16
CA SER C 299 -28.18 -11.31 17.10
C SER C 299 -28.73 -11.29 15.67
N HIS C 300 -28.61 -10.15 15.00
CA HIS C 300 -29.13 -9.98 13.64
C HIS C 300 -28.14 -10.51 12.61
N ALA C 301 -28.10 -9.85 11.46
CA ALA C 301 -27.21 -10.29 10.39
C ALA C 301 -25.76 -9.94 10.71
N VAL C 302 -24.87 -10.89 10.47
CA VAL C 302 -23.44 -10.73 10.71
C VAL C 302 -22.72 -10.70 9.38
N LYS C 303 -21.82 -9.72 9.21
CA LYS C 303 -21.08 -9.60 7.96
C LYS C 303 -20.11 -10.77 7.78
N ALA C 304 -19.20 -10.95 8.73
CA ALA C 304 -18.23 -12.02 8.66
C ALA C 304 -17.78 -12.40 10.06
N LEU C 305 -17.19 -13.59 10.18
CA LEU C 305 -16.69 -14.10 11.45
C LEU C 305 -15.17 -14.12 11.43
N PHE C 306 -14.57 -13.76 12.56
CA PHE C 306 -13.12 -13.74 12.67
C PHE C 306 -12.73 -13.87 14.13
N PHE C 307 -11.63 -14.57 14.40
CA PHE C 307 -11.13 -14.77 15.74
C PHE C 307 -9.62 -14.98 15.68
N MET C 308 -8.99 -15.05 16.85
CA MET C 308 -7.55 -15.24 16.93
C MET C 308 -7.21 -15.85 18.28
N VAL C 309 -6.42 -16.92 18.26
CA VAL C 309 -5.98 -17.59 19.49
C VAL C 309 -4.75 -16.85 20.01
N GLN C 310 -4.85 -16.35 21.24
CA GLN C 310 -3.78 -15.57 21.84
C GLN C 310 -3.38 -16.19 23.19
N ASN C 311 -2.19 -15.83 23.64
CA ASN C 311 -1.66 -16.33 24.89
C ASN C 311 -2.19 -15.49 26.06
N VAL C 312 -1.53 -15.58 27.21
CA VAL C 312 -1.90 -14.81 28.39
C VAL C 312 -0.87 -13.74 28.64
N THR C 313 0.37 -13.98 28.19
CA THR C 313 1.46 -13.03 28.34
C THR C 313 2.00 -12.57 26.98
N TYR C 314 2.63 -13.48 26.24
CA TYR C 314 3.13 -13.17 24.90
C TYR C 314 2.08 -13.57 23.87
N LYS C 315 1.00 -12.78 23.83
CA LYS C 315 -0.11 -13.07 22.93
C LYS C 315 0.22 -12.82 21.47
N SER C 316 1.29 -12.08 21.19
CA SER C 316 1.69 -11.77 19.82
C SER C 316 2.77 -12.73 19.31
N VAL C 317 2.74 -13.98 19.76
CA VAL C 317 3.71 -15.00 19.36
C VAL C 317 2.93 -16.15 18.75
N GLY C 318 3.30 -16.53 17.53
CA GLY C 318 2.64 -17.62 16.84
C GLY C 318 3.38 -18.94 16.93
N SER C 319 4.61 -18.96 16.43
CA SER C 319 5.42 -20.17 16.46
C SER C 319 5.92 -20.45 17.88
N ASN C 320 6.24 -21.72 18.12
CA ASN C 320 6.73 -22.12 19.44
C ASN C 320 8.16 -21.64 19.64
N TYR C 321 8.51 -21.37 20.90
CA TYR C 321 9.85 -20.91 21.24
C TYR C 321 10.85 -22.06 21.16
N THR C 322 12.10 -21.69 20.92
CA THR C 322 13.19 -22.66 20.80
C THR C 322 14.40 -22.16 21.58
N CYS C 323 15.06 -23.08 22.28
CA CYS C 323 16.23 -22.75 23.10
C CYS C 323 17.52 -22.74 22.29
N VAL C 324 17.45 -22.48 20.99
CA VAL C 324 18.62 -22.43 20.12
C VAL C 324 18.78 -21.00 19.62
N THR C 325 20.00 -20.50 19.67
CA THR C 325 20.28 -19.14 19.21
C THR C 325 20.10 -19.04 17.70
N PRO C 326 19.56 -17.92 17.19
CA PRO C 326 19.08 -16.78 17.96
C PRO C 326 17.55 -16.73 18.08
N VAL C 327 17.00 -17.45 19.05
CA VAL C 327 15.56 -17.46 19.28
C VAL C 327 15.27 -17.04 20.71
N ASN C 328 15.86 -17.74 21.68
CA ASN C 328 15.67 -17.47 23.10
C ASN C 328 17.03 -17.45 23.77
N GLY C 329 17.56 -16.25 24.03
CA GLY C 329 18.83 -16.09 24.67
C GLY C 329 20.00 -16.55 23.80
N PRO C 330 20.46 -15.67 22.90
CA PRO C 330 19.92 -14.32 22.68
C PRO C 330 18.69 -14.33 21.77
N GLY C 331 17.77 -13.40 22.01
CA GLY C 331 16.54 -13.35 21.24
C GLY C 331 16.52 -12.24 20.20
N ASN C 332 17.30 -12.40 19.13
CA ASN C 332 17.27 -11.42 18.05
C ASN C 332 15.97 -11.48 17.27
N THR C 333 15.34 -12.65 17.22
CA THR C 333 14.05 -12.83 16.56
C THR C 333 13.08 -13.50 17.52
N VAL C 334 11.86 -12.98 17.58
CA VAL C 334 10.87 -13.53 18.50
C VAL C 334 10.46 -14.94 18.08
N MET C 335 10.01 -15.09 16.84
CA MET C 335 9.60 -16.39 16.33
C MET C 335 9.78 -16.42 14.82
N GLU C 336 9.85 -17.64 14.28
CA GLU C 336 9.98 -17.82 12.85
C GLU C 336 8.64 -17.64 12.14
N PRO C 337 8.65 -17.18 10.90
CA PRO C 337 7.38 -17.02 10.16
C PRO C 337 6.80 -18.34 9.69
N ALA C 338 6.19 -18.33 8.50
CA ALA C 338 5.56 -19.49 7.88
C ALA C 338 4.37 -19.99 8.71
N MET C 339 3.18 -19.92 8.13
CA MET C 339 1.98 -20.34 8.83
C MET C 339 1.95 -21.84 9.09
N SER C 340 2.79 -22.62 8.40
CA SER C 340 2.83 -24.06 8.63
C SER C 340 3.43 -24.42 9.98
N VAL C 341 4.25 -23.54 10.55
CA VAL C 341 4.83 -23.82 11.87
C VAL C 341 3.86 -23.57 13.00
N ASP C 342 2.74 -22.90 12.73
CA ASP C 342 1.76 -22.63 13.77
C ASP C 342 1.11 -23.94 14.23
N PRO C 343 0.88 -24.11 15.54
CA PRO C 343 0.27 -25.36 16.01
C PRO C 343 -1.15 -25.57 15.52
N ILE C 344 -1.85 -24.51 15.10
CA ILE C 344 -3.21 -24.65 14.61
C ILE C 344 -3.17 -25.35 13.25
N LYS C 345 -3.87 -26.48 13.15
CA LYS C 345 -3.88 -27.25 11.91
C LYS C 345 -4.83 -26.63 10.89
N SER C 346 -6.13 -26.83 11.09
CA SER C 346 -7.14 -26.32 10.17
C SER C 346 -8.40 -25.99 10.95
N ALA C 347 -9.43 -25.55 10.23
CA ALA C 347 -10.71 -25.20 10.84
C ALA C 347 -11.81 -25.43 9.82
N SER C 348 -13.06 -25.28 10.28
CA SER C 348 -14.22 -25.47 9.43
C SER C 348 -15.40 -24.74 10.04
N LEU C 349 -16.06 -23.89 9.25
CA LEU C 349 -17.21 -23.14 9.72
C LEU C 349 -18.49 -23.91 9.42
N THR C 350 -19.39 -23.95 10.40
CA THR C 350 -20.66 -24.65 10.27
C THR C 350 -21.77 -23.65 9.96
N TYR C 351 -22.65 -24.01 9.03
CA TYR C 351 -23.75 -23.14 8.64
C TYR C 351 -24.93 -24.01 8.23
N GLU C 352 -26.05 -23.87 8.93
CA GLU C 352 -27.28 -24.61 8.64
C GLU C 352 -27.06 -26.12 8.68
N ASN C 353 -26.16 -26.57 9.57
CA ASN C 353 -25.83 -28.00 9.73
C ASN C 353 -25.36 -28.60 8.40
N THR C 354 -24.67 -27.80 7.60
CA THR C 354 -24.16 -28.24 6.31
C THR C 354 -22.77 -27.67 6.10
N THR C 355 -22.04 -28.24 5.15
CA THR C 355 -20.69 -27.78 4.86
C THR C 355 -20.73 -26.36 4.30
N ARG C 356 -19.62 -25.64 4.47
CA ARG C 356 -19.50 -24.26 4.01
C ARG C 356 -18.26 -24.02 3.16
N LEU C 357 -17.14 -24.67 3.49
CA LEU C 357 -15.91 -24.51 2.73
C LEU C 357 -15.08 -25.77 2.89
N ALA C 358 -14.20 -26.00 1.91
CA ALA C 358 -13.35 -27.17 1.94
C ALA C 358 -12.35 -27.10 3.10
N ASN C 359 -11.96 -28.26 3.60
CA ASN C 359 -11.03 -28.35 4.71
C ASN C 359 -9.62 -27.94 4.28
N MET C 360 -9.37 -26.64 4.23
CA MET C 360 -8.08 -26.10 3.85
C MET C 360 -7.23 -25.80 5.08
N GLY C 361 -5.93 -25.64 4.84
CA GLY C 361 -4.99 -25.36 5.91
C GLY C 361 -5.08 -23.93 6.41
N VAL C 362 -4.14 -23.58 7.30
CA VAL C 362 -4.12 -22.24 7.86
C VAL C 362 -3.60 -21.22 6.86
N GLU C 363 -2.94 -21.66 5.79
CA GLU C 363 -2.43 -20.74 4.79
C GLU C 363 -3.53 -20.19 3.89
N TYR C 364 -4.72 -20.79 3.91
CA TYR C 364 -5.85 -20.34 3.10
C TYR C 364 -6.86 -19.52 3.88
N TYR C 365 -7.08 -19.85 5.16
CA TYR C 365 -8.04 -19.12 5.96
C TYR C 365 -7.47 -17.85 6.57
N SER C 366 -6.15 -17.71 6.62
CA SER C 366 -5.51 -16.54 7.21
C SER C 366 -4.88 -15.61 6.19
N LEU C 367 -4.55 -16.09 5.00
CA LEU C 367 -3.89 -15.29 3.97
C LEU C 367 -4.79 -15.02 2.78
N VAL C 368 -5.37 -16.06 2.18
CA VAL C 368 -6.18 -15.86 0.97
C VAL C 368 -7.52 -15.23 1.32
N GLN C 369 -8.07 -15.51 2.51
CA GLN C 369 -9.36 -14.94 2.87
C GLN C 369 -9.29 -13.42 3.04
N PRO C 370 -8.33 -12.85 3.77
CA PRO C 370 -8.22 -11.38 3.80
C PRO C 370 -7.69 -10.78 2.51
N TRP C 371 -7.17 -11.60 1.59
CA TRP C 371 -6.63 -11.10 0.33
C TRP C 371 -7.72 -10.71 -0.66
N TYR C 372 -8.91 -11.30 -0.55
CA TYR C 372 -10.01 -10.98 -1.47
C TYR C 372 -10.58 -9.60 -1.16
N PHE C 373 -11.61 -9.56 -0.31
CA PHE C 373 -12.22 -8.29 0.07
C PHE C 373 -11.27 -7.52 0.98
N SER C 374 -10.96 -6.28 0.59
CA SER C 374 -10.04 -5.42 1.33
C SER C 374 -8.68 -6.09 1.49
N ALA C 375 -7.83 -5.97 0.48
CA ALA C 375 -6.52 -6.62 0.50
C ALA C 375 -5.63 -6.06 1.59
N SER C 376 -5.61 -6.71 2.75
CA SER C 376 -4.79 -6.31 3.87
C SER C 376 -3.96 -7.50 4.32
N ILE C 377 -2.64 -7.33 4.35
CA ILE C 377 -1.75 -8.43 4.74
C ILE C 377 -1.88 -8.68 6.23
N PRO C 378 -1.88 -9.93 6.69
CA PRO C 378 -2.00 -10.19 8.13
C PRO C 378 -0.66 -10.31 8.82
N VAL C 379 -0.53 -11.29 9.71
CA VAL C 379 0.71 -11.54 10.44
C VAL C 379 0.73 -12.99 10.88
N TYR C 380 1.92 -13.50 11.19
CA TYR C 380 2.10 -14.89 11.60
C TYR C 380 1.88 -14.97 13.10
N THR C 381 0.65 -15.31 13.50
CA THR C 381 0.31 -15.45 14.91
C THR C 381 -0.77 -16.50 15.11
N GLY C 382 -1.89 -16.34 14.40
CA GLY C 382 -2.99 -17.28 14.52
C GLY C 382 -4.33 -16.64 14.27
N TYR C 383 -4.42 -15.81 13.24
CA TYR C 383 -5.65 -15.11 12.90
C TYR C 383 -6.49 -15.94 11.95
N HIS C 384 -7.81 -15.86 12.12
CA HIS C 384 -8.77 -16.57 11.28
C HIS C 384 -9.75 -15.56 10.70
N MET C 385 -10.15 -15.78 9.45
CA MET C 385 -11.07 -14.88 8.77
C MET C 385 -11.72 -15.63 7.62
N TYR C 386 -12.96 -15.25 7.32
CA TYR C 386 -13.72 -15.82 6.21
C TYR C 386 -14.37 -14.69 5.42
N SER C 387 -14.03 -14.60 4.13
CA SER C 387 -14.60 -13.56 3.29
C SER C 387 -16.05 -13.89 2.95
N TYR C 388 -16.90 -12.86 3.02
CA TYR C 388 -18.32 -13.05 2.74
C TYR C 388 -18.86 -11.90 1.89
N ALA C 389 -19.41 -10.87 2.54
CA ALA C 389 -19.98 -9.75 1.81
C ALA C 389 -18.88 -8.87 1.22
N LEU C 390 -19.29 -8.00 0.30
CA LEU C 390 -18.38 -7.09 -0.36
C LEU C 390 -18.73 -5.62 -0.17
N ASN C 391 -19.84 -5.32 0.51
CA ASN C 391 -20.28 -3.96 0.75
C ASN C 391 -20.57 -3.80 2.23
N VAL C 392 -19.79 -2.97 2.91
CA VAL C 392 -19.95 -2.71 4.35
C VAL C 392 -20.44 -1.28 4.50
N GLY C 393 -21.69 -1.13 4.93
CA GLY C 393 -22.27 0.19 5.12
C GLY C 393 -23.08 0.65 3.92
N SER C 394 -24.27 0.10 3.74
CA SER C 394 -25.15 0.46 2.65
C SER C 394 -26.59 0.47 3.15
N VAL C 395 -27.52 0.77 2.24
CA VAL C 395 -28.94 0.82 2.58
C VAL C 395 -29.66 -0.49 2.34
N HIS C 396 -28.95 -1.51 1.85
CA HIS C 396 -29.55 -2.82 1.58
C HIS C 396 -28.51 -3.92 1.72
N PRO C 397 -28.71 -4.87 2.64
CA PRO C 397 -27.73 -5.96 2.79
C PRO C 397 -27.69 -6.87 1.58
N SER C 398 -26.60 -6.81 0.82
CA SER C 398 -26.44 -7.65 -0.37
C SER C 398 -25.63 -8.89 -0.03
N GLY C 399 -26.23 -9.73 0.80
CA GLY C 399 -25.60 -10.97 1.22
C GLY C 399 -25.00 -10.89 2.61
N SER C 400 -25.82 -11.21 3.62
CA SER C 400 -25.37 -11.17 5.01
C SER C 400 -25.92 -12.38 5.74
N THR C 401 -25.11 -12.94 6.65
CA THR C 401 -25.51 -14.10 7.43
C THR C 401 -26.56 -13.68 8.45
N ASN C 402 -27.81 -13.67 8.01
CA ASN C 402 -28.93 -13.29 8.86
C ASN C 402 -29.15 -14.38 9.91
N TYR C 403 -28.74 -14.13 11.14
CA TYR C 403 -28.87 -15.09 12.23
C TYR C 403 -30.24 -15.05 12.89
N GLY C 404 -31.18 -14.25 12.36
CA GLY C 404 -32.51 -14.20 12.94
C GLY C 404 -33.32 -15.45 12.73
N ARG C 405 -33.02 -16.24 11.70
CA ARG C 405 -33.72 -17.49 11.43
C ARG C 405 -32.83 -18.71 11.58
N LEU C 406 -31.54 -18.55 11.80
CA LEU C 406 -30.62 -19.67 11.94
C LEU C 406 -30.57 -20.12 13.40
N THR C 407 -30.56 -21.45 13.59
CA THR C 407 -30.51 -22.04 14.93
C THR C 407 -29.40 -23.07 15.05
N ASN C 408 -28.42 -23.05 14.15
CA ASN C 408 -27.32 -24.01 14.19
C ASN C 408 -26.08 -23.34 13.62
N ALA C 409 -25.12 -23.01 14.48
CA ALA C 409 -23.87 -22.37 14.05
C ALA C 409 -22.80 -22.67 15.08
N SER C 410 -21.70 -23.29 14.65
CA SER C 410 -20.62 -23.65 15.53
C SER C 410 -19.29 -23.41 14.81
N ILE C 411 -18.20 -23.75 15.48
CA ILE C 411 -16.85 -23.60 14.93
C ILE C 411 -15.95 -24.63 15.57
N THR C 412 -14.97 -25.12 14.80
CA THR C 412 -14.02 -26.11 15.27
C THR C 412 -12.60 -25.62 15.00
N VAL C 413 -11.69 -25.98 15.92
CA VAL C 413 -10.28 -25.61 15.82
C VAL C 413 -9.45 -26.86 16.06
N THR C 414 -8.61 -27.20 15.09
CA THR C 414 -7.73 -28.36 15.17
C THR C 414 -6.31 -27.90 15.42
N MET C 415 -5.67 -28.45 16.46
CA MET C 415 -4.31 -28.11 16.84
C MET C 415 -3.41 -29.33 16.67
N SER C 416 -2.12 -29.14 16.99
CA SER C 416 -1.13 -30.19 16.88
C SER C 416 -0.77 -30.75 18.24
N PRO C 417 -0.49 -32.06 18.33
CA PRO C 417 -0.12 -32.65 19.63
C PRO C 417 1.27 -32.24 20.08
N GLU C 418 1.63 -32.60 21.31
CA GLU C 418 2.94 -32.25 21.86
C GLU C 418 3.93 -33.38 21.65
N SER C 419 4.25 -34.11 22.71
CA SER C 419 5.20 -35.23 22.67
C SER C 419 6.56 -34.78 22.16
N VAL C 420 6.96 -33.56 22.53
CA VAL C 420 8.25 -33.02 22.12
C VAL C 420 8.63 -31.93 23.13
N VAL C 421 9.93 -31.64 23.21
CA VAL C 421 10.44 -30.62 24.12
C VAL C 421 10.32 -29.25 23.46
N ALA C 422 10.51 -28.20 24.24
CA ALA C 422 10.43 -26.83 23.75
C ALA C 422 11.79 -26.27 23.33
N ALA C 423 12.78 -27.14 23.11
CA ALA C 423 14.11 -26.72 22.70
C ALA C 423 14.45 -27.13 21.27
N ALA C 424 13.49 -27.68 20.54
CA ALA C 424 13.71 -28.10 19.16
C ALA C 424 12.89 -27.33 18.14
N GLY C 425 11.79 -26.69 18.54
CA GLY C 425 10.96 -25.94 17.64
C GLY C 425 9.54 -26.48 17.61
N GLY C 426 8.72 -25.84 16.78
CA GLY C 426 7.33 -26.23 16.63
C GLY C 426 7.02 -26.81 15.27
N GLY C 427 5.78 -26.64 14.82
CA GLY C 427 5.36 -27.15 13.54
C GLY C 427 3.89 -27.51 13.56
N ASN C 428 3.44 -28.08 12.45
CA ASN C 428 2.04 -28.49 12.31
C ASN C 428 1.76 -29.86 12.93
N ASN C 429 2.78 -30.54 13.45
CA ASN C 429 2.60 -31.85 14.06
C ASN C 429 3.16 -31.96 15.47
N ASN C 430 4.07 -31.08 15.89
CA ASN C 430 4.65 -31.12 17.22
C ASN C 430 4.75 -29.71 17.78
N SER C 431 4.53 -29.57 19.07
CA SER C 431 4.59 -28.28 19.74
C SER C 431 5.17 -28.46 21.14
N GLY C 432 5.98 -27.50 21.56
CA GLY C 432 6.61 -27.56 22.86
C GLY C 432 5.69 -27.13 24.00
N TYR C 433 6.26 -26.44 24.99
CA TYR C 433 5.49 -25.98 26.14
C TYR C 433 4.81 -24.63 25.90
N ASN C 434 4.94 -24.06 24.69
CA ASN C 434 4.33 -22.78 24.37
C ASN C 434 2.93 -22.94 23.79
N GLU C 435 2.28 -24.08 24.01
CA GLU C 435 0.94 -24.33 23.49
C GLU C 435 -0.12 -24.24 24.58
N PRO C 436 0.08 -24.83 25.78
CA PRO C 436 -0.92 -24.68 26.85
C PRO C 436 -1.05 -23.25 27.36
N GLN C 437 -0.13 -22.34 26.99
CA GLN C 437 -0.25 -20.96 27.45
C GLN C 437 -1.42 -20.24 26.80
N ARG C 438 -1.75 -20.59 25.56
CA ARG C 438 -2.86 -19.98 24.84
C ARG C 438 -4.09 -20.86 24.99
N PHE C 439 -5.14 -20.32 25.65
CA PHE C 439 -6.36 -21.10 25.83
C PHE C 439 -7.61 -20.23 25.78
N ALA C 440 -7.54 -19.02 25.24
CA ALA C 440 -8.67 -18.12 25.15
C ALA C 440 -9.12 -18.04 23.70
N LEU C 441 -10.36 -18.45 23.44
CA LEU C 441 -10.96 -18.43 22.10
C LEU C 441 -12.07 -17.39 22.09
N VAL C 442 -11.69 -16.14 21.86
CA VAL C 442 -12.62 -15.02 21.82
C VAL C 442 -12.93 -14.71 20.36
N VAL C 443 -14.18 -14.88 19.98
CA VAL C 443 -14.63 -14.63 18.61
C VAL C 443 -15.35 -13.28 18.57
N ILE C 444 -14.89 -12.40 17.68
CA ILE C 444 -15.47 -11.06 17.53
C ILE C 444 -16.14 -10.99 16.16
N ALA C 445 -17.40 -10.58 16.14
CA ALA C 445 -18.17 -10.45 14.92
C ALA C 445 -18.62 -9.00 14.74
N VAL C 446 -19.14 -8.71 13.55
CA VAL C 446 -19.64 -7.39 13.19
C VAL C 446 -21.04 -7.54 12.63
N ASN C 447 -21.98 -6.75 13.15
CA ASN C 447 -23.36 -6.78 12.72
C ASN C 447 -23.78 -5.39 12.24
N HIS C 448 -24.96 -5.34 11.62
CA HIS C 448 -25.52 -4.10 11.09
C HIS C 448 -26.79 -3.76 11.85
N ASN C 449 -26.90 -2.52 12.30
CA ASN C 449 -28.06 -2.06 13.04
C ASN C 449 -28.48 -0.69 12.53
N VAL C 450 -29.72 -0.31 12.83
CA VAL C 450 -30.29 0.96 12.44
C VAL C 450 -30.78 1.68 13.69
N ILE C 451 -30.21 2.84 13.97
CA ILE C 451 -30.57 3.63 15.14
C ILE C 451 -31.72 4.56 14.76
N ARG C 452 -32.85 4.41 15.45
CA ARG C 452 -34.03 5.24 15.19
C ARG C 452 -33.93 6.51 16.04
N ILE C 453 -33.78 7.65 15.38
CA ILE C 453 -33.67 8.94 16.04
C ILE C 453 -35.03 9.62 15.94
N MET C 454 -35.68 9.83 17.10
CA MET C 454 -36.98 10.48 17.15
C MET C 454 -37.12 11.19 18.47
N ASN C 455 -37.62 12.42 18.42
CA ASN C 455 -37.81 13.25 19.63
C ASN C 455 -39.04 12.76 20.35
N GLY C 456 -38.85 12.03 21.46
CA GLY C 456 -39.93 11.51 22.25
C GLY C 456 -40.22 10.04 22.05
N SER C 457 -39.57 9.39 21.09
CA SER C 457 -39.77 7.97 20.82
C SER C 457 -38.43 7.30 20.61
N MET C 458 -38.25 6.14 21.22
CA MET C 458 -37.01 5.37 21.11
C MET C 458 -37.38 3.91 20.92
N GLY C 459 -37.35 3.45 19.66
CA GLY C 459 -37.68 2.08 19.33
C GLY C 459 -36.56 1.41 18.55
N PHE C 460 -36.78 0.12 18.28
CA PHE C 460 -35.82 -0.70 17.54
C PHE C 460 -36.44 -1.19 16.25
N PRO C 461 -35.96 -0.76 15.08
CA PRO C 461 -36.56 -1.23 13.83
C PRO C 461 -36.06 -2.61 13.42
N ILE C 462 -35.77 -2.78 12.13
CA ILE C 462 -35.29 -4.07 11.62
C ILE C 462 -33.77 -4.04 11.54
N LEU C 463 -33.19 -5.12 11.01
CA LEU C 463 -31.74 -5.24 10.92
C LEU C 463 -31.18 -4.38 9.79
#